data_3D52
#
_entry.id   3D52
#
_cell.length_a   68.579
_cell.length_b   107.912
_cell.length_c   137.062
_cell.angle_alpha   90.000
_cell.angle_beta   90.000
_cell.angle_gamma   90.000
#
_symmetry.space_group_name_H-M   'P 21 21 21'
#
loop_
_entity.id
_entity.type
_entity.pdbx_description
1 polymer 'Alpha-mannosidase 2'
2 non-polymer 'ZINC ION'
3 non-polymer (4R)-2-METHYLPENTANE-2,4-DIOL
4 non-polymer '[[(3S,4S,5R,6R)-3,4,5-trihydroxy-6-(hydroxymethyl)piperidin-2-ylidene]amino] N-(4-chlorophenyl)carbamate'
5 water water
#
_entity_poly.entity_id   1
_entity_poly.type   'polypeptide(L)'
_entity_poly.pdbx_seq_one_letter_code
;RSSHHHHHHGEFDDPIRPPLKVARSPRPGQCQDVVQDVPNVDVQMLELYDRMSFKDIDGGVWKQGWNIKYDPLKYNAHHK
LKVFVVPHSHNDPGWIQTFEEYYQHDTKHILSNALRHLHDNPEMKFIWAEISYFARFYHDLGENKKLQMKSIVKNGQLEF
VTGGWVMPDEANSHWRNVLLQLTEGQTWLKQFMNVTPTASWAIDPFGHSPTMPYILQKSGFKNMLIQRTHYSVKKELAQQ
RQLEFLWRQIWDNKGDTALFTHMMPFYSYDIPHTCGPDPKVCCQFDFKRMGSFGLSCPWKVPPRTISDQNVAARSDLLVD
QWKKKAELYRTNVLLIPLGDDFRFKQNTEWDVQRVNYERLFEHINSQAHFNVQAQFGTLQEYFDAVHQAERAGQAEFPTL
SGDFFTYADRSDNYWSGYYTSRPYHKRMDRVLMHYVRAAEMLSAWHSWDGMARIEERLEQARRELSLFQHHDGITGTAKT
HVVVDYEQRMQEALKACQMVMQQSVYRLLTKPSIYSPDFSFSYFTLDDSRWPGSGVEDSRTTIILGEDILPSKHVVMHNT
LPHWREQLVDFYVSSPFVSVTDLANNPVEAQVSPVWSWHHDTLTKTIHPQGSTTKYRIIFKARVPPMGLATYVLTISDSK
PEHTSYASNLLLRKNPTSLPLGQYPEDVKFGDPREISLRVGNGPTLAFSEQGLLKSIQLTQDSPHVPVHFKFLKYGVRSH
GDRSGAYLFLPNGPASPVELGQPVVLVTKGKLESSVSVGLPSVVHQTIMRGGAPEIRNLVDIGSLDNTEIVMRLETHIDS
GDIFYTDLNGLQFIKRRRLDKLPLQANYYPIPSGMFIEDANTRLTLLTGQPLGGSSLASGELEIMQDRRLASDDERGLGQ
GVLDNKPVLHIYRLVLEKVNNCVRPSKLHPAGYLTSAAHKASQSLLDPLDKFIFAENEWIGAQGQFGGDHPSAREDLDVS
VMRRLTKSSAKTQRVGYVLHRTNLMQCGTPEEHTQKLDVCHLLPNVARCERTTLTFLQNLEHLDGMVAPEVCPMETAAYV
SSHSS
;
_entity_poly.pdbx_strand_id   A
#
loop_
_chem_comp.id
_chem_comp.type
_chem_comp.name
_chem_comp.formula
GHR non-polymer '[[(3S,4S,5R,6R)-3,4,5-trihydroxy-6-(hydroxymethyl)piperidin-2-ylidene]amino] N-(4-chlorophenyl)carbamate' 'C13 H16 Cl N3 O6'
MRD non-polymer (4R)-2-METHYLPENTANE-2,4-DIOL 'C6 H14 O2'
ZN non-polymer 'ZINC ION' 'Zn 2'
#
# COMPACT_ATOMS: atom_id res chain seq x y z
N GLN A 30 5.61 -30.18 7.18
CA GLN A 30 4.80 -30.05 5.93
C GLN A 30 4.89 -28.63 5.37
N CYS A 31 4.67 -27.65 6.24
CA CYS A 31 4.97 -26.25 5.94
C CYS A 31 6.48 -25.99 6.02
N GLN A 32 6.95 -25.09 5.17
CA GLN A 32 8.32 -24.62 5.27
C GLN A 32 8.50 -23.79 6.54
N ASP A 33 9.65 -23.95 7.19
CA ASP A 33 10.04 -23.15 8.35
C ASP A 33 10.56 -21.85 7.78
N VAL A 34 9.91 -20.76 8.12
CA VAL A 34 10.30 -19.46 7.59
C VAL A 34 11.24 -18.67 8.49
N VAL A 35 11.66 -19.28 9.61
CA VAL A 35 12.45 -18.58 10.59
C VAL A 35 13.92 -19.07 10.63
N GLN A 36 14.07 -20.39 10.57
CA GLN A 36 15.29 -20.98 11.08
C GLN A 36 16.24 -21.47 10.03
N ASP A 37 15.83 -21.48 8.77
CA ASP A 37 16.74 -21.89 7.69
C ASP A 37 17.01 -20.64 6.84
N VAL A 38 18.27 -20.25 6.71
CA VAL A 38 18.65 -19.12 5.84
C VAL A 38 18.71 -19.62 4.41
N PRO A 39 17.85 -19.09 3.51
CA PRO A 39 17.94 -19.55 2.12
C PRO A 39 19.29 -19.24 1.50
N ASN A 40 19.71 -20.18 0.63
CA ASN A 40 20.90 -20.00 -0.11
C ASN A 40 20.48 -19.54 -1.47
N VAL A 41 20.88 -18.32 -1.79
CA VAL A 41 20.56 -17.72 -3.11
C VAL A 41 21.83 -17.11 -3.76
N ASP A 42 21.81 -16.92 -5.08
CA ASP A 42 22.95 -16.38 -5.75
C ASP A 42 23.15 -14.91 -5.42
N VAL A 43 22.02 -14.19 -5.34
CA VAL A 43 22.08 -12.77 -4.97
C VAL A 43 21.07 -12.56 -3.88
N GLN A 44 21.59 -12.12 -2.75
CA GLN A 44 20.76 -11.76 -1.62
C GLN A 44 20.98 -10.27 -1.43
N MET A 45 19.91 -9.47 -1.63
CA MET A 45 20.16 -8.07 -1.83
C MET A 45 20.82 -7.33 -0.63
N LEU A 46 20.50 -7.77 0.60
CA LEU A 46 21.10 -7.13 1.80
C LEU A 46 22.59 -7.44 1.77
N GLU A 47 22.92 -8.69 1.45
CA GLU A 47 24.34 -9.06 1.41
C GLU A 47 25.04 -8.32 0.29
N LEU A 48 24.34 -8.14 -0.83
CA LEU A 48 24.95 -7.49 -1.98
C LEU A 48 25.23 -6.02 -1.64
N TYR A 49 24.25 -5.36 -0.98
CA TYR A 49 24.44 -4.00 -0.49
C TYR A 49 25.65 -3.83 0.44
N ASP A 50 25.90 -4.84 1.27
CA ASP A 50 26.94 -4.78 2.27
C ASP A 50 28.27 -4.76 1.53
N ARG A 51 28.40 -5.53 0.45
CA ARG A 51 29.66 -5.66 -0.29
C ARG A 51 29.88 -4.60 -1.37
N MET A 52 28.80 -4.13 -1.98
CA MET A 52 28.86 -3.35 -3.21
C MET A 52 29.48 -2.00 -3.03
N SER A 53 30.13 -1.51 -4.08
CA SER A 53 30.45 -0.11 -4.15
C SER A 53 29.31 0.68 -4.78
N PHE A 54 29.08 1.86 -4.22
CA PHE A 54 28.07 2.76 -4.72
C PHE A 54 28.67 3.98 -5.37
N LYS A 55 29.95 3.90 -5.75
CA LYS A 55 30.56 5.10 -6.36
C LYS A 55 29.94 5.42 -7.68
N ASP A 56 29.67 6.69 -7.90
CA ASP A 56 28.99 7.21 -9.08
C ASP A 56 30.01 7.67 -10.12
N ILE A 57 30.51 6.72 -10.88
CA ILE A 57 31.62 6.98 -11.80
C ILE A 57 31.09 7.12 -13.22
N ASP A 58 31.69 8.02 -13.98
CA ASP A 58 31.28 8.26 -15.35
C ASP A 58 31.71 7.06 -16.20
N GLY A 59 30.73 6.32 -16.70
CA GLY A 59 31.03 5.13 -17.47
C GLY A 59 31.11 5.32 -18.98
N GLY A 60 31.03 6.57 -19.45
CA GLY A 60 31.10 6.91 -20.87
C GLY A 60 29.68 7.10 -21.40
N VAL A 61 29.40 6.66 -22.62
CA VAL A 61 28.10 6.90 -23.22
C VAL A 61 27.02 6.26 -22.37
N TRP A 62 27.30 5.06 -21.88
CA TRP A 62 26.43 4.48 -20.83
C TRP A 62 26.92 5.10 -19.51
N LYS A 63 26.30 6.21 -19.13
CA LYS A 63 26.89 7.06 -18.03
C LYS A 63 27.09 6.27 -16.73
N GLN A 64 26.15 5.37 -16.39
CA GLN A 64 26.20 4.63 -15.13
C GLN A 64 26.68 3.21 -15.29
N GLY A 65 27.27 2.93 -16.46
CA GLY A 65 27.78 1.60 -16.71
C GLY A 65 29.24 1.64 -17.13
N TRP A 66 29.50 1.03 -18.28
CA TRP A 66 30.87 0.97 -18.82
C TRP A 66 30.76 0.77 -20.33
N ASN A 67 31.88 0.81 -21.06
CA ASN A 67 31.84 0.62 -22.51
C ASN A 67 31.76 -0.85 -22.83
N ILE A 68 30.58 -1.28 -23.28
CA ILE A 68 30.33 -2.70 -23.49
C ILE A 68 31.06 -3.20 -24.72
N LYS A 69 31.76 -4.31 -24.55
CA LYS A 69 32.44 -5.00 -25.65
C LYS A 69 31.77 -6.32 -25.96
N TYR A 70 31.74 -6.69 -27.24
CA TYR A 70 31.24 -8.01 -27.60
C TYR A 70 32.10 -8.62 -28.69
N ASP A 71 32.09 -9.94 -28.70
CA ASP A 71 32.79 -10.71 -29.71
C ASP A 71 31.88 -10.84 -30.93
N PRO A 72 32.28 -10.19 -32.05
CA PRO A 72 31.42 -10.29 -33.21
C PRO A 72 31.10 -11.74 -33.65
N LEU A 73 32.03 -12.67 -33.45
CA LEU A 73 31.81 -14.07 -33.87
C LEU A 73 30.87 -14.89 -32.97
N LYS A 74 30.36 -14.27 -31.91
CA LYS A 74 29.40 -14.92 -31.02
C LYS A 74 28.15 -15.40 -31.79
N TYR A 75 27.76 -14.57 -32.76
CA TYR A 75 26.63 -14.87 -33.60
C TYR A 75 27.12 -15.36 -34.95
N ASN A 76 26.40 -16.32 -35.50
CA ASN A 76 26.69 -16.83 -36.85
C ASN A 76 25.45 -17.54 -37.36
N ALA A 77 25.55 -18.17 -38.53
CA ALA A 77 24.36 -18.66 -39.24
C ALA A 77 23.47 -19.57 -38.41
N HIS A 78 24.06 -20.30 -37.47
CA HIS A 78 23.31 -21.27 -36.67
C HIS A 78 22.99 -20.78 -35.26
N HIS A 79 23.54 -19.60 -34.91
CA HIS A 79 23.30 -19.00 -33.63
C HIS A 79 23.07 -17.51 -33.84
N LYS A 80 21.82 -17.17 -34.09
CA LYS A 80 21.47 -15.79 -34.43
C LYS A 80 20.97 -15.10 -33.16
N LEU A 81 21.12 -13.78 -33.12
CA LEU A 81 20.48 -12.99 -32.06
C LEU A 81 19.01 -12.73 -32.46
N LYS A 82 18.07 -13.16 -31.62
CA LYS A 82 16.63 -13.03 -31.89
C LYS A 82 16.20 -11.79 -31.11
N VAL A 83 15.75 -10.78 -31.83
CA VAL A 83 15.38 -9.49 -31.22
C VAL A 83 13.90 -9.26 -31.30
N PHE A 84 13.29 -8.97 -30.15
CA PHE A 84 11.85 -8.62 -30.08
C PHE A 84 11.70 -7.15 -29.72
N VAL A 85 11.21 -6.41 -30.69
CA VAL A 85 10.93 -4.97 -30.51
C VAL A 85 9.48 -4.88 -30.08
N VAL A 86 9.28 -4.35 -28.87
CA VAL A 86 7.95 -4.43 -28.26
C VAL A 86 7.35 -3.03 -28.08
N PRO A 87 6.46 -2.62 -28.97
CA PRO A 87 5.86 -1.29 -28.87
C PRO A 87 4.97 -1.17 -27.63
N HIS A 88 5.06 -0.04 -26.97
CA HIS A 88 4.29 0.22 -25.73
C HIS A 88 4.05 1.71 -25.56
N SER A 89 3.17 2.03 -24.60
CA SER A 89 2.78 3.40 -24.37
C SER A 89 2.48 3.50 -22.89
N HIS A 90 3.32 4.25 -22.19
CA HIS A 90 3.12 4.37 -20.73
C HIS A 90 2.01 5.39 -20.43
N ASN A 91 0.88 4.91 -19.87
CA ASN A 91 -0.26 5.82 -19.64
C ASN A 91 -0.52 5.93 -18.14
N ASP A 92 -0.17 7.06 -17.55
CA ASP A 92 -0.39 7.25 -16.13
C ASP A 92 -1.90 7.57 -15.91
N PRO A 93 -2.59 6.79 -15.04
CA PRO A 93 -3.99 7.07 -14.66
C PRO A 93 -4.01 8.20 -13.64
N GLY A 94 -3.70 9.38 -14.14
CA GLY A 94 -3.50 10.56 -13.28
C GLY A 94 -2.03 10.84 -12.98
N TRP A 95 -1.60 12.10 -13.22
CA TRP A 95 -0.26 12.54 -12.85
C TRP A 95 -0.19 14.07 -12.99
N ILE A 96 0.06 14.55 -14.19
CA ILE A 96 -0.01 15.98 -14.40
C ILE A 96 -1.40 16.38 -14.87
N GLN A 97 -2.17 15.43 -15.39
CA GLN A 97 -3.61 15.63 -15.64
C GLN A 97 -4.39 14.58 -14.84
N THR A 98 -5.69 14.78 -14.73
CA THR A 98 -6.50 13.73 -14.05
C THR A 98 -6.66 12.52 -14.98
N PHE A 99 -7.11 11.41 -14.40
CA PHE A 99 -7.47 10.23 -15.23
C PHE A 99 -8.35 10.64 -16.43
N GLU A 100 -9.41 11.41 -16.15
CA GLU A 100 -10.36 11.69 -17.21
C GLU A 100 -9.81 12.71 -18.21
N GLU A 101 -8.96 13.64 -17.73
CA GLU A 101 -8.32 14.61 -18.63
C GLU A 101 -7.39 13.85 -19.59
N TYR A 102 -6.57 12.97 -19.05
CA TYR A 102 -5.70 12.19 -19.91
C TYR A 102 -6.51 11.31 -20.87
N TYR A 103 -7.61 10.73 -20.40
CA TYR A 103 -8.35 9.83 -21.26
C TYR A 103 -8.88 10.63 -22.49
N GLN A 104 -9.41 11.81 -22.21
CA GLN A 104 -9.98 12.65 -23.27
C GLN A 104 -8.92 13.22 -24.19
N HIS A 105 -7.79 13.60 -23.63
CA HIS A 105 -6.76 14.32 -24.39
C HIS A 105 -5.79 13.39 -25.10
N ASP A 106 -5.54 12.21 -24.53
CA ASP A 106 -4.46 11.31 -24.98
C ASP A 106 -4.92 9.88 -25.15
N THR A 107 -5.34 9.23 -24.07
CA THR A 107 -5.47 7.80 -24.10
C THR A 107 -6.56 7.31 -25.05
N LYS A 108 -7.67 8.07 -25.18
CA LYS A 108 -8.71 7.55 -26.07
C LYS A 108 -8.18 7.49 -27.53
N HIS A 109 -7.32 8.44 -27.84
CA HIS A 109 -6.70 8.53 -29.17
C HIS A 109 -5.69 7.43 -29.38
N ILE A 110 -4.89 7.16 -28.35
CA ILE A 110 -3.91 6.08 -28.46
C ILE A 110 -4.66 4.75 -28.69
N LEU A 111 -5.70 4.44 -27.91
CA LEU A 111 -6.37 3.17 -28.06
C LEU A 111 -7.17 3.09 -29.38
N SER A 112 -7.80 4.19 -29.80
CA SER A 112 -8.53 4.20 -31.08
C SER A 112 -7.53 3.96 -32.22
N ASN A 113 -6.40 4.64 -32.14
CA ASN A 113 -5.36 4.44 -33.17
C ASN A 113 -4.68 3.10 -33.13
N ALA A 114 -4.51 2.53 -31.93
CA ALA A 114 -4.01 1.18 -31.81
C ALA A 114 -4.94 0.19 -32.50
N LEU A 115 -6.23 0.33 -32.25
CA LEU A 115 -7.18 -0.62 -32.81
C LEU A 115 -7.10 -0.55 -34.34
N ARG A 116 -7.10 0.66 -34.88
CA ARG A 116 -7.01 0.84 -36.32
C ARG A 116 -5.71 0.29 -36.88
N HIS A 117 -4.59 0.74 -36.35
CA HIS A 117 -3.30 0.33 -36.91
C HIS A 117 -2.98 -1.14 -36.77
N LEU A 118 -3.31 -1.75 -35.63
CA LEU A 118 -3.02 -3.16 -35.47
C LEU A 118 -3.95 -3.95 -36.41
N HIS A 119 -5.20 -3.52 -36.50
CA HIS A 119 -6.12 -4.22 -37.37
C HIS A 119 -5.55 -4.18 -38.80
N ASP A 120 -5.06 -3.01 -39.21
CA ASP A 120 -4.62 -2.85 -40.62
C ASP A 120 -3.22 -3.40 -40.90
N ASN A 121 -2.44 -3.69 -39.85
CA ASN A 121 -1.05 -4.11 -40.03
C ASN A 121 -0.75 -5.33 -39.21
N PRO A 122 -1.02 -6.53 -39.78
CA PRO A 122 -1.01 -7.78 -39.03
C PRO A 122 0.28 -8.13 -38.32
N GLU A 123 1.45 -7.63 -38.74
CA GLU A 123 2.68 -7.99 -38.04
C GLU A 123 3.02 -7.01 -36.89
N MET A 124 2.27 -5.91 -36.83
CA MET A 124 2.51 -4.90 -35.78
C MET A 124 1.93 -5.46 -34.49
N LYS A 125 2.60 -5.10 -33.38
CA LYS A 125 2.22 -5.59 -32.03
C LYS A 125 2.19 -4.40 -31.11
N PHE A 126 1.58 -4.61 -29.93
CA PHE A 126 1.49 -3.53 -28.96
C PHE A 126 1.14 -4.18 -27.64
N ILE A 127 1.69 -3.64 -26.57
CA ILE A 127 1.33 -4.13 -25.22
C ILE A 127 0.63 -3.05 -24.46
N TRP A 128 -0.27 -3.47 -23.57
CA TRP A 128 -1.10 -2.51 -22.82
C TRP A 128 -1.15 -2.99 -21.37
N ALA A 129 -0.91 -2.05 -20.46
CA ALA A 129 -0.83 -2.36 -19.05
C ALA A 129 -2.04 -1.94 -18.20
N GLU A 130 -2.54 -0.74 -18.45
CA GLU A 130 -3.45 -0.12 -17.49
C GLU A 130 -4.91 -0.41 -17.84
N ILE A 131 -5.49 -1.37 -17.14
CA ILE A 131 -6.86 -1.79 -17.49
C ILE A 131 -7.92 -0.72 -17.17
N SER A 132 -7.63 0.16 -16.20
CA SER A 132 -8.56 1.28 -15.91
C SER A 132 -8.88 2.07 -17.18
N TYR A 133 -7.82 2.41 -17.95
CA TYR A 133 -8.05 3.14 -19.19
C TYR A 133 -8.69 2.24 -20.25
N PHE A 134 -8.26 0.99 -20.34
CA PHE A 134 -8.79 0.13 -21.41
C PHE A 134 -10.30 -0.11 -21.20
N ALA A 135 -10.68 -0.29 -19.94
CA ALA A 135 -12.14 -0.47 -19.64
C ALA A 135 -12.85 0.84 -19.95
N ARG A 136 -12.28 2.00 -19.60
CA ARG A 136 -12.91 3.35 -19.86
C ARG A 136 -13.15 3.51 -21.35
N PHE A 137 -12.23 3.02 -22.15
CA PHE A 137 -12.30 3.11 -23.62
C PHE A 137 -13.31 2.11 -24.17
N TYR A 138 -13.27 0.88 -23.67
CA TYR A 138 -13.99 -0.25 -24.29
C TYR A 138 -15.45 0.00 -24.13
N HIS A 139 -15.84 0.66 -23.02
CA HIS A 139 -17.28 0.87 -22.83
C HIS A 139 -17.87 2.05 -23.62
N ASP A 140 -17.03 2.83 -24.28
CA ASP A 140 -17.51 3.79 -25.26
C ASP A 140 -17.48 3.26 -26.68
N LEU A 141 -17.09 1.99 -26.87
CA LEU A 141 -16.98 1.39 -28.21
C LEU A 141 -18.27 0.75 -28.63
N GLY A 142 -18.64 0.94 -29.91
CA GLY A 142 -19.73 0.18 -30.52
C GLY A 142 -19.37 -1.28 -30.76
N GLU A 143 -20.36 -2.10 -31.09
CA GLU A 143 -20.15 -3.54 -31.20
C GLU A 143 -19.14 -3.93 -32.26
N ASN A 144 -19.16 -3.22 -33.38
CA ASN A 144 -18.26 -3.49 -34.50
C ASN A 144 -16.82 -3.35 -34.04
N LYS A 145 -16.54 -2.25 -33.32
CA LYS A 145 -15.17 -1.97 -32.83
C LYS A 145 -14.79 -2.92 -31.68
N LYS A 146 -15.77 -3.31 -30.88
CA LYS A 146 -15.50 -4.31 -29.84
C LYS A 146 -15.06 -5.66 -30.46
N LEU A 147 -15.78 -6.08 -31.51
CA LEU A 147 -15.39 -7.29 -32.21
C LEU A 147 -13.98 -7.20 -32.83
N GLN A 148 -13.69 -6.07 -33.47
CA GLN A 148 -12.35 -5.75 -34.02
C GLN A 148 -11.27 -5.83 -32.93
N MET A 149 -11.61 -5.31 -31.76
CA MET A 149 -10.68 -5.31 -30.64
C MET A 149 -10.44 -6.71 -30.18
N LYS A 150 -11.54 -7.47 -30.08
CA LYS A 150 -11.39 -8.84 -29.64
C LYS A 150 -10.52 -9.61 -30.62
N SER A 151 -10.63 -9.30 -31.93
CA SER A 151 -9.86 -9.98 -32.95
C SER A 151 -8.35 -9.75 -32.86
N ILE A 152 -7.94 -8.51 -32.56
CA ILE A 152 -6.52 -8.23 -32.40
C ILE A 152 -5.94 -8.72 -31.05
N VAL A 153 -6.80 -9.00 -30.06
CA VAL A 153 -6.34 -9.65 -28.85
C VAL A 153 -6.16 -11.15 -29.12
N LYS A 154 -7.20 -11.72 -29.74
CA LYS A 154 -7.22 -13.15 -30.03
C LYS A 154 -6.01 -13.58 -30.83
N ASN A 155 -5.66 -12.81 -31.84
CA ASN A 155 -4.53 -13.14 -32.71
C ASN A 155 -3.14 -12.74 -32.18
N GLY A 156 -3.11 -12.14 -30.99
CA GLY A 156 -1.85 -11.90 -30.29
C GLY A 156 -1.21 -10.58 -30.64
N GLN A 157 -1.88 -9.71 -31.40
CA GLN A 157 -1.25 -8.46 -31.78
C GLN A 157 -1.27 -7.46 -30.64
N LEU A 158 -2.42 -7.36 -29.98
CA LEU A 158 -2.56 -6.57 -28.75
C LEU A 158 -2.47 -7.50 -27.56
N GLU A 159 -1.46 -7.30 -26.74
CA GLU A 159 -1.26 -8.16 -25.59
C GLU A 159 -1.34 -7.35 -24.31
N PHE A 160 -2.17 -7.82 -23.37
CA PHE A 160 -2.20 -7.19 -22.06
C PHE A 160 -1.09 -7.72 -21.20
N VAL A 161 -0.39 -6.79 -20.53
CA VAL A 161 0.70 -7.14 -19.66
C VAL A 161 0.30 -6.70 -18.25
N THR A 162 0.49 -7.60 -17.30
CA THR A 162 0.01 -7.51 -15.93
C THR A 162 -1.53 -7.61 -15.88
N GLY A 163 -2.20 -6.65 -16.52
CA GLY A 163 -3.68 -6.71 -16.49
C GLY A 163 -4.24 -6.13 -15.20
N GLY A 164 -3.45 -5.44 -14.39
CA GLY A 164 -4.07 -4.75 -13.23
C GLY A 164 -4.82 -3.49 -13.65
N TRP A 165 -5.65 -2.97 -12.73
CA TRP A 165 -6.33 -1.72 -13.01
C TRP A 165 -5.31 -0.64 -13.27
N VAL A 166 -4.17 -0.71 -12.56
CA VAL A 166 -3.10 0.26 -12.70
C VAL A 166 -1.78 -0.47 -12.65
N MET A 167 -0.68 0.29 -12.78
CA MET A 167 0.67 -0.26 -12.52
C MET A 167 0.98 0.33 -11.12
N PRO A 168 0.80 -0.43 -10.08
CA PRO A 168 0.80 0.17 -8.75
C PRO A 168 2.16 0.57 -8.21
N ASP A 169 2.12 1.54 -7.30
CA ASP A 169 3.26 1.78 -6.45
C ASP A 169 3.57 0.52 -5.68
N GLU A 170 4.85 0.29 -5.43
CA GLU A 170 5.28 -0.87 -4.70
C GLU A 170 5.79 -0.56 -3.28
N ALA A 171 5.96 0.73 -2.93
CA ALA A 171 6.47 1.10 -1.61
C ALA A 171 5.40 1.30 -0.58
N ASN A 172 4.38 2.10 -0.96
CA ASN A 172 3.39 2.54 0.03
C ASN A 172 2.13 1.67 0.03
N SER A 173 1.95 0.94 -1.07
CA SER A 173 0.72 0.16 -1.24
C SER A 173 0.63 -1.04 -0.28
N HIS A 174 -0.58 -1.32 0.22
CA HIS A 174 -0.74 -2.49 1.04
C HIS A 174 -0.96 -3.66 0.10
N TRP A 175 -0.40 -4.82 0.47
CA TRP A 175 -0.53 -5.95 -0.43
C TRP A 175 -2.02 -6.28 -0.75
N ARG A 176 -2.91 -5.99 0.18
CA ARG A 176 -4.31 -6.29 -0.05
C ARG A 176 -4.85 -5.45 -1.19
N ASN A 177 -4.36 -4.22 -1.29
CA ASN A 177 -4.78 -3.36 -2.39
C ASN A 177 -4.07 -3.63 -3.71
N VAL A 178 -2.83 -4.10 -3.61
CA VAL A 178 -2.15 -4.56 -4.80
C VAL A 178 -3.01 -5.69 -5.40
N LEU A 179 -3.41 -6.63 -4.57
CA LEU A 179 -4.27 -7.76 -5.02
C LEU A 179 -5.62 -7.24 -5.52
N LEU A 180 -6.20 -6.28 -4.81
CA LEU A 180 -7.49 -5.69 -5.21
C LEU A 180 -7.42 -5.15 -6.66
N GLN A 181 -6.44 -4.32 -6.92
CA GLN A 181 -6.40 -3.70 -8.25
C GLN A 181 -6.03 -4.74 -9.30
N LEU A 182 -5.19 -5.73 -8.97
CA LEU A 182 -4.85 -6.79 -9.97
C LEU A 182 -6.12 -7.56 -10.31
N THR A 183 -6.90 -7.86 -9.28
CA THR A 183 -8.14 -8.60 -9.45
C THR A 183 -9.15 -7.80 -10.26
N GLU A 184 -9.24 -6.51 -9.99
CA GLU A 184 -10.17 -5.66 -10.72
C GLU A 184 -9.85 -5.72 -12.21
N GLY A 185 -8.56 -5.52 -12.54
CA GLY A 185 -8.19 -5.51 -13.96
C GLY A 185 -8.37 -6.90 -14.58
N GLN A 186 -7.86 -7.95 -13.93
CA GLN A 186 -7.89 -9.30 -14.50
C GLN A 186 -9.34 -9.81 -14.59
N THR A 187 -10.18 -9.42 -13.66
CA THR A 187 -11.59 -9.87 -13.78
C THR A 187 -12.23 -9.24 -15.01
N TRP A 188 -11.94 -7.99 -15.26
CA TRP A 188 -12.41 -7.28 -16.41
C TRP A 188 -11.92 -7.98 -17.67
N LEU A 189 -10.60 -8.24 -17.74
CA LEU A 189 -10.02 -8.87 -18.95
C LEU A 189 -10.63 -10.25 -19.17
N LYS A 190 -10.87 -11.01 -18.10
CA LYS A 190 -11.41 -12.38 -18.34
C LYS A 190 -12.87 -12.28 -18.85
N GLN A 191 -13.63 -11.39 -18.28
CA GLN A 191 -15.03 -11.25 -18.65
C GLN A 191 -15.21 -10.74 -20.07
N PHE A 192 -14.42 -9.75 -20.46
CA PHE A 192 -14.65 -9.01 -21.73
C PHE A 192 -13.70 -9.38 -22.81
N MET A 193 -12.49 -9.81 -22.48
CA MET A 193 -11.50 -10.22 -23.53
C MET A 193 -11.12 -11.70 -23.54
N ASN A 194 -11.58 -12.44 -22.54
CA ASN A 194 -11.26 -13.82 -22.35
C ASN A 194 -9.76 -14.09 -22.33
N VAL A 195 -9.01 -13.20 -21.68
CA VAL A 195 -7.55 -13.41 -21.51
C VAL A 195 -7.17 -13.16 -20.07
N THR A 196 -6.13 -13.90 -19.64
CA THR A 196 -5.51 -13.65 -18.35
C THR A 196 -4.01 -13.57 -18.57
N PRO A 197 -3.42 -12.34 -18.46
CA PRO A 197 -1.96 -12.21 -18.59
C PRO A 197 -1.18 -13.04 -17.60
N THR A 198 -0.04 -13.54 -18.06
CA THR A 198 0.86 -14.29 -17.19
C THR A 198 2.24 -13.63 -17.15
N ALA A 199 2.37 -12.49 -17.83
CA ALA A 199 3.63 -11.73 -17.79
C ALA A 199 3.28 -10.33 -17.27
N SER A 200 4.06 -9.86 -16.29
CA SER A 200 3.86 -8.50 -15.73
C SER A 200 4.93 -7.51 -16.20
N TRP A 201 4.49 -6.27 -16.36
CA TRP A 201 5.29 -5.17 -16.89
C TRP A 201 5.21 -4.01 -15.87
N ALA A 202 6.31 -3.73 -15.18
CA ALA A 202 6.30 -2.65 -14.16
C ALA A 202 7.51 -1.79 -14.45
N ILE A 203 7.31 -0.89 -15.41
CA ILE A 203 8.44 -0.02 -15.85
C ILE A 203 8.63 1.25 -15.09
N ASP A 204 7.61 1.67 -14.31
CA ASP A 204 7.67 2.98 -13.69
C ASP A 204 7.59 3.08 -12.15
N PRO A 205 7.14 2.05 -11.39
CA PRO A 205 7.10 2.28 -9.89
C PRO A 205 8.52 2.60 -9.38
N PHE A 206 8.62 3.39 -8.30
CA PHE A 206 9.93 4.00 -7.96
C PHE A 206 10.67 3.12 -6.98
N GLY A 207 11.23 2.03 -7.50
CA GLY A 207 11.73 0.95 -6.64
C GLY A 207 10.71 -0.19 -6.66
N HIS A 208 11.21 -1.38 -6.34
CA HIS A 208 10.37 -2.59 -6.50
C HIS A 208 10.40 -3.50 -5.29
N SER A 209 9.24 -4.12 -5.03
CA SER A 209 9.04 -4.94 -3.85
C SER A 209 8.81 -6.41 -4.23
N PRO A 210 9.36 -7.31 -3.39
CA PRO A 210 9.12 -8.74 -3.64
C PRO A 210 7.67 -9.13 -3.35
N THR A 211 6.88 -8.21 -2.77
CA THR A 211 5.44 -8.47 -2.66
C THR A 211 4.81 -8.72 -4.04
N MET A 212 5.39 -8.06 -5.06
CA MET A 212 4.84 -8.22 -6.38
C MET A 212 4.96 -9.66 -6.91
N PRO A 213 6.19 -10.23 -6.96
CA PRO A 213 6.24 -11.64 -7.40
C PRO A 213 5.49 -12.56 -6.45
N TYR A 214 5.41 -12.22 -5.16
CA TYR A 214 4.62 -13.03 -4.22
C TYR A 214 3.17 -13.15 -4.73
N ILE A 215 2.55 -12.00 -4.96
CA ILE A 215 1.16 -11.97 -5.41
C ILE A 215 1.04 -12.55 -6.83
N LEU A 216 1.92 -12.14 -7.71
CA LEU A 216 1.81 -12.58 -9.12
C LEU A 216 1.92 -14.10 -9.24
N GLN A 217 2.93 -14.67 -8.57
CA GLN A 217 3.17 -16.11 -8.70
C GLN A 217 1.94 -16.88 -8.21
N LYS A 218 1.24 -16.32 -7.23
CA LYS A 218 0.01 -16.95 -6.68
C LYS A 218 -1.25 -16.63 -7.48
N SER A 219 -1.10 -15.85 -8.55
CA SER A 219 -2.17 -15.45 -9.44
C SER A 219 -1.89 -15.95 -10.88
N GLY A 220 -1.04 -16.98 -11.02
CA GLY A 220 -0.90 -17.63 -12.32
C GLY A 220 0.25 -17.09 -13.14
N PHE A 221 0.92 -16.03 -12.66
CA PHE A 221 2.01 -15.49 -13.49
C PHE A 221 3.21 -16.39 -13.58
N LYS A 222 3.90 -16.21 -14.70
CA LYS A 222 5.12 -16.93 -14.96
C LYS A 222 6.34 -16.05 -15.11
N ASN A 223 6.12 -14.75 -15.38
CA ASN A 223 7.26 -13.89 -15.64
C ASN A 223 6.93 -12.46 -15.28
N MET A 224 7.96 -11.69 -14.96
CA MET A 224 7.70 -10.28 -14.66
C MET A 224 8.90 -9.45 -15.08
N LEU A 225 8.64 -8.17 -15.33
CA LEU A 225 9.69 -7.25 -15.73
C LEU A 225 9.64 -6.03 -14.87
N ILE A 226 10.85 -5.56 -14.50
CA ILE A 226 10.99 -4.38 -13.65
C ILE A 226 12.07 -3.47 -14.24
N GLN A 227 12.09 -2.22 -13.80
CA GLN A 227 12.97 -1.19 -14.37
C GLN A 227 13.62 -0.24 -13.38
N ARG A 228 12.87 0.31 -12.41
CA ARG A 228 13.47 1.38 -11.58
C ARG A 228 14.13 0.77 -10.38
N THR A 229 15.39 0.40 -10.60
CA THR A 229 16.26 -0.04 -9.56
C THR A 229 17.51 0.85 -9.59
N HIS A 230 18.15 0.90 -8.42
CA HIS A 230 19.30 1.80 -8.24
C HIS A 230 20.33 1.56 -9.32
N TYR A 231 20.83 2.65 -9.86
CA TYR A 231 21.81 2.55 -10.99
C TYR A 231 23.02 1.70 -10.59
N SER A 232 23.43 1.74 -9.32
CA SER A 232 24.56 0.88 -8.88
C SER A 232 24.24 -0.59 -8.93
N VAL A 233 22.97 -0.95 -8.62
CA VAL A 233 22.51 -2.32 -8.68
C VAL A 233 22.48 -2.78 -10.15
N LYS A 234 21.94 -1.94 -11.05
CA LYS A 234 21.94 -2.27 -12.50
C LYS A 234 23.38 -2.60 -12.93
N LYS A 235 24.32 -1.76 -12.55
CA LYS A 235 25.72 -1.97 -13.00
C LYS A 235 26.26 -3.28 -12.43
N GLU A 236 26.05 -3.51 -11.15
CA GLU A 236 26.52 -4.71 -10.47
C GLU A 236 25.94 -5.96 -11.08
N LEU A 237 24.63 -5.97 -11.25
CA LEU A 237 24.02 -7.17 -11.82
C LEU A 237 24.39 -7.34 -13.28
N ALA A 238 24.47 -6.24 -14.05
CA ALA A 238 24.83 -6.37 -15.46
C ALA A 238 26.18 -7.03 -15.64
N GLN A 239 27.12 -6.66 -14.78
CA GLN A 239 28.52 -7.12 -14.94
C GLN A 239 28.54 -8.65 -14.83
N GLN A 240 27.61 -9.18 -14.05
CA GLN A 240 27.53 -10.62 -13.77
C GLN A 240 26.45 -11.32 -14.61
N ARG A 241 25.81 -10.61 -15.54
CA ARG A 241 24.65 -11.15 -16.29
C ARG A 241 23.64 -11.74 -15.32
N GLN A 242 23.32 -10.96 -14.28
CA GLN A 242 22.34 -11.39 -13.29
C GLN A 242 21.09 -10.48 -13.33
N LEU A 243 20.85 -9.90 -14.51
CA LEU A 243 19.66 -9.02 -14.71
C LEU A 243 18.38 -9.80 -14.90
N GLU A 244 18.50 -11.08 -15.22
CA GLU A 244 17.33 -12.00 -15.26
C GLU A 244 17.59 -13.01 -14.18
N PHE A 245 16.61 -13.17 -13.29
CA PHE A 245 16.79 -14.02 -12.11
C PHE A 245 15.45 -14.61 -11.66
N LEU A 246 15.57 -15.64 -10.82
CA LEU A 246 14.39 -16.30 -10.28
C LEU A 246 14.23 -15.63 -8.91
N TRP A 247 13.22 -14.75 -8.79
CA TRP A 247 13.06 -13.94 -7.57
C TRP A 247 12.16 -14.66 -6.61
N ARG A 248 12.79 -15.11 -5.52
CA ARG A 248 12.03 -15.80 -4.46
C ARG A 248 11.90 -14.91 -3.24
N GLN A 249 10.93 -15.29 -2.41
CA GLN A 249 10.78 -14.55 -1.14
C GLN A 249 11.97 -14.74 -0.20
N ILE A 250 12.21 -13.75 0.67
CA ILE A 250 13.42 -13.78 1.54
C ILE A 250 13.47 -14.97 2.50
N TRP A 251 12.33 -15.58 2.80
CA TRP A 251 12.35 -16.66 3.78
C TRP A 251 12.25 -18.03 3.09
N ASP A 252 12.22 -18.04 1.76
CA ASP A 252 11.85 -19.24 1.03
C ASP A 252 13.08 -20.11 0.78
N ASN A 253 13.21 -21.21 1.53
CA ASN A 253 14.39 -22.01 1.41
C ASN A 253 14.39 -22.88 0.16
N LYS A 254 13.20 -23.29 -0.27
CA LYS A 254 12.98 -24.28 -1.32
C LYS A 254 12.93 -23.64 -2.69
N GLY A 255 12.35 -22.46 -2.74
CA GLY A 255 12.21 -21.76 -4.00
C GLY A 255 10.82 -21.85 -4.62
N ASP A 256 9.82 -22.34 -3.88
CA ASP A 256 8.47 -22.53 -4.42
C ASP A 256 7.83 -21.21 -4.82
N THR A 257 8.33 -20.11 -4.25
CA THR A 257 7.74 -18.81 -4.55
C THR A 257 8.41 -18.13 -5.75
N ALA A 258 9.45 -18.76 -6.34
CA ALA A 258 10.23 -18.02 -7.35
C ALA A 258 9.44 -17.62 -8.59
N LEU A 259 9.68 -16.41 -9.05
CA LEU A 259 9.14 -15.93 -10.30
C LEU A 259 10.26 -15.37 -11.16
N PHE A 260 10.32 -15.81 -12.41
CA PHE A 260 11.30 -15.30 -13.32
C PHE A 260 11.12 -13.81 -13.58
N THR A 261 12.20 -13.07 -13.38
CA THR A 261 12.16 -11.61 -13.40
C THR A 261 13.20 -11.10 -14.34
N HIS A 262 12.79 -10.17 -15.19
CA HIS A 262 13.75 -9.46 -16.04
C HIS A 262 13.90 -8.02 -15.59
N MET A 263 15.11 -7.61 -15.23
CA MET A 263 15.38 -6.22 -14.85
C MET A 263 15.97 -5.55 -16.09
N MET A 264 15.39 -4.44 -16.52
N MET A 264 15.39 -4.44 -16.51
CA MET A 264 15.94 -3.67 -17.62
CA MET A 264 15.95 -3.68 -17.62
C MET A 264 17.25 -2.99 -17.17
C MET A 264 17.25 -2.99 -17.17
N PRO A 265 18.23 -2.80 -18.05
CA PRO A 265 19.54 -2.38 -17.55
C PRO A 265 19.86 -0.92 -17.51
N PHE A 266 19.03 -0.10 -18.12
CA PHE A 266 19.44 1.29 -18.38
C PHE A 266 18.60 2.30 -17.58
N TYR A 267 18.89 3.58 -17.79
CA TYR A 267 18.36 4.61 -16.91
C TYR A 267 16.83 4.80 -17.02
N SER A 268 16.26 4.55 -18.19
CA SER A 268 14.83 4.79 -18.40
C SER A 268 14.21 3.75 -19.31
N TYR A 269 12.87 3.80 -19.41
CA TYR A 269 12.15 2.96 -20.34
C TYR A 269 11.90 3.64 -21.67
N ASP A 270 12.42 4.85 -21.86
CA ASP A 270 12.18 5.54 -23.10
C ASP A 270 13.10 4.98 -24.20
N ILE A 271 12.86 5.36 -25.45
CA ILE A 271 13.54 4.71 -26.58
C ILE A 271 15.06 4.98 -26.46
N PRO A 272 15.48 6.23 -26.12
CA PRO A 272 16.93 6.42 -25.98
C PRO A 272 17.65 5.51 -24.99
N HIS A 273 16.92 4.96 -24.03
CA HIS A 273 17.51 4.08 -22.99
C HIS A 273 17.03 2.62 -23.08
N THR A 274 16.51 2.25 -24.25
CA THR A 274 16.10 0.87 -24.43
C THR A 274 16.70 0.12 -25.59
N CYS A 275 17.26 0.83 -26.56
CA CYS A 275 17.85 0.12 -27.69
C CYS A 275 19.26 -0.45 -27.39
N GLY A 276 19.93 0.08 -26.38
CA GLY A 276 21.35 -0.21 -26.16
C GLY A 276 21.92 0.86 -25.26
N PRO A 277 23.23 0.78 -24.97
CA PRO A 277 23.88 1.61 -23.97
C PRO A 277 24.10 3.07 -24.34
N ASP A 278 24.03 3.42 -25.62
CA ASP A 278 24.34 4.80 -26.03
C ASP A 278 23.08 5.58 -26.43
N PRO A 279 22.60 6.45 -25.51
CA PRO A 279 21.32 7.13 -25.87
C PRO A 279 21.40 8.09 -27.05
N LYS A 280 22.60 8.64 -27.33
CA LYS A 280 22.75 9.45 -28.52
C LYS A 280 22.45 8.69 -29.82
N VAL A 281 22.74 7.38 -29.82
CA VAL A 281 22.46 6.52 -30.95
C VAL A 281 21.01 6.07 -30.89
N CYS A 282 20.55 5.62 -29.71
CA CYS A 282 19.20 5.05 -29.61
C CYS A 282 18.16 6.13 -29.96
N CYS A 283 18.45 7.37 -29.56
CA CYS A 283 17.51 8.45 -29.83
C CYS A 283 17.23 8.60 -31.33
N GLN A 284 18.22 8.26 -32.16
CA GLN A 284 18.08 8.32 -33.61
C GLN A 284 17.09 7.28 -34.15
N PHE A 285 16.66 6.38 -33.27
CA PHE A 285 15.72 5.31 -33.61
C PHE A 285 14.35 5.49 -32.94
N ASP A 286 14.14 6.70 -32.44
CA ASP A 286 12.82 7.14 -32.01
C ASP A 286 12.30 8.06 -33.07
N PHE A 287 11.48 7.53 -33.97
CA PHE A 287 11.11 8.26 -35.19
C PHE A 287 10.06 9.34 -34.94
N LYS A 288 9.67 9.48 -33.68
CA LYS A 288 8.81 10.61 -33.29
C LYS A 288 9.62 11.90 -33.07
N ARG A 289 10.94 11.81 -33.15
CA ARG A 289 11.82 12.92 -32.72
C ARG A 289 12.44 13.73 -33.88
N MET A 290 11.80 13.66 -35.05
CA MET A 290 12.33 14.36 -36.23
C MET A 290 11.88 15.82 -36.41
N GLY A 291 10.88 16.23 -35.63
CA GLY A 291 10.52 17.64 -35.56
C GLY A 291 9.03 17.93 -35.55
N SER A 292 8.27 17.19 -36.37
CA SER A 292 6.85 17.54 -36.54
C SER A 292 5.99 17.24 -35.31
N PHE A 293 6.55 16.54 -34.34
CA PHE A 293 5.81 16.22 -33.11
C PHE A 293 6.29 16.99 -31.88
N GLY A 294 7.10 18.03 -32.12
CA GLY A 294 7.62 18.89 -31.05
C GLY A 294 8.63 18.22 -30.15
N LEU A 295 9.07 17.03 -30.54
CA LEU A 295 10.09 16.33 -29.75
C LEU A 295 11.37 16.31 -30.55
N SER A 296 12.47 16.20 -29.82
CA SER A 296 13.79 16.16 -30.48
C SER A 296 14.72 15.31 -29.65
N CYS A 297 15.98 15.21 -30.09
CA CYS A 297 16.94 14.42 -29.35
C CYS A 297 17.91 15.36 -28.59
N PRO A 298 17.94 15.27 -27.26
CA PRO A 298 18.85 16.22 -26.54
C PRO A 298 20.33 15.93 -26.74
N TRP A 299 20.66 14.78 -27.31
CA TRP A 299 22.07 14.44 -27.61
C TRP A 299 22.48 15.01 -28.97
N LYS A 300 21.56 15.73 -29.62
CA LYS A 300 21.86 16.62 -30.75
C LYS A 300 21.89 15.97 -32.14
N VAL A 301 21.68 14.67 -32.22
CA VAL A 301 21.63 13.99 -33.49
C VAL A 301 20.21 13.48 -33.73
N PRO A 302 19.50 14.06 -34.69
CA PRO A 302 18.12 13.66 -34.87
C PRO A 302 17.99 12.27 -35.60
N PRO A 303 16.84 11.63 -35.46
CA PRO A 303 16.61 10.46 -36.28
C PRO A 303 16.54 10.91 -37.73
N ARG A 304 16.94 10.01 -38.61
CA ARG A 304 16.71 10.19 -40.05
C ARG A 304 15.83 9.08 -40.59
N THR A 305 14.90 9.45 -41.48
CA THR A 305 14.08 8.48 -42.19
C THR A 305 14.95 7.41 -42.83
N ILE A 306 14.53 6.17 -42.67
CA ILE A 306 15.21 5.05 -43.29
C ILE A 306 14.83 4.96 -44.74
N SER A 307 15.86 4.88 -45.59
CA SER A 307 15.63 4.69 -47.04
C SER A 307 16.68 3.77 -47.59
N ASP A 308 16.59 3.46 -48.87
CA ASP A 308 17.61 2.60 -49.47
C ASP A 308 19.03 3.22 -49.42
N GLN A 309 19.13 4.54 -49.40
CA GLN A 309 20.42 5.25 -49.37
C GLN A 309 21.13 5.16 -48.03
N ASN A 310 20.40 4.84 -46.95
CA ASN A 310 21.02 4.77 -45.65
C ASN A 310 20.65 3.55 -44.82
N VAL A 311 19.85 2.64 -45.36
CA VAL A 311 19.39 1.52 -44.52
C VAL A 311 20.58 0.68 -43.99
N ALA A 312 21.61 0.44 -44.81
CA ALA A 312 22.73 -0.35 -44.32
C ALA A 312 23.46 0.34 -43.18
N ALA A 313 23.75 1.65 -43.30
CA ALA A 313 24.44 2.37 -42.25
C ALA A 313 23.58 2.38 -40.96
N ARG A 314 22.29 2.68 -41.13
CA ARG A 314 21.41 2.81 -39.95
C ARG A 314 21.30 1.45 -39.26
N SER A 315 21.21 0.40 -40.07
CA SER A 315 21.13 -0.99 -39.52
C SER A 315 22.38 -1.35 -38.75
N ASP A 316 23.54 -0.98 -39.30
CA ASP A 316 24.79 -1.24 -38.61
C ASP A 316 24.85 -0.58 -37.22
N LEU A 317 24.44 0.67 -37.14
CA LEU A 317 24.37 1.43 -35.91
C LEU A 317 23.46 0.76 -34.93
N LEU A 318 22.26 0.40 -35.39
CA LEU A 318 21.27 -0.15 -34.45
C LEU A 318 21.63 -1.56 -33.99
N VAL A 319 22.08 -2.40 -34.92
CA VAL A 319 22.52 -3.74 -34.51
C VAL A 319 23.66 -3.74 -33.49
N ASP A 320 24.61 -2.84 -33.67
CA ASP A 320 25.71 -2.74 -32.71
C ASP A 320 25.15 -2.39 -31.31
N GLN A 321 24.15 -1.48 -31.25
CA GLN A 321 23.51 -1.20 -29.95
C GLN A 321 22.86 -2.47 -29.37
N TRP A 322 22.11 -3.19 -30.19
CA TRP A 322 21.42 -4.39 -29.73
C TRP A 322 22.41 -5.40 -29.26
N LYS A 323 23.50 -5.56 -30.03
CA LYS A 323 24.52 -6.55 -29.61
C LYS A 323 25.22 -6.23 -28.31
N LYS A 324 25.43 -4.96 -28.04
CA LYS A 324 25.94 -4.50 -26.74
C LYS A 324 24.92 -4.80 -25.63
N LYS A 325 23.65 -4.45 -25.88
CA LYS A 325 22.66 -4.78 -24.86
C LYS A 325 22.59 -6.30 -24.59
N ALA A 326 22.75 -7.08 -25.68
CA ALA A 326 22.63 -8.53 -25.52
C ALA A 326 23.74 -9.10 -24.65
N GLU A 327 24.90 -8.42 -24.62
CA GLU A 327 26.03 -8.87 -23.79
C GLU A 327 25.71 -8.92 -22.31
N LEU A 328 24.65 -8.20 -21.94
CA LEU A 328 24.31 -8.13 -20.51
C LEU A 328 23.39 -9.25 -20.06
N TYR A 329 22.98 -10.10 -20.99
CA TYR A 329 21.98 -11.15 -20.75
C TYR A 329 22.52 -12.49 -21.21
N ARG A 330 21.88 -13.57 -20.76
CA ARG A 330 22.44 -14.91 -20.94
C ARG A 330 21.92 -15.69 -22.14
N THR A 331 20.80 -15.29 -22.74
CA THR A 331 20.31 -16.04 -23.89
C THR A 331 20.57 -15.27 -25.16
N ASN A 332 20.26 -15.89 -26.29
CA ASN A 332 20.32 -15.20 -27.55
C ASN A 332 18.99 -14.54 -27.93
N VAL A 333 18.17 -14.23 -26.93
CA VAL A 333 16.88 -13.61 -27.18
C VAL A 333 16.92 -12.26 -26.47
N LEU A 334 16.61 -11.19 -27.22
CA LEU A 334 16.81 -9.85 -26.68
C LEU A 334 15.50 -9.06 -26.71
N LEU A 335 15.19 -8.39 -25.60
CA LEU A 335 14.00 -7.56 -25.46
C LEU A 335 14.39 -6.11 -25.74
N ILE A 336 13.67 -5.51 -26.70
CA ILE A 336 13.84 -4.10 -27.04
C ILE A 336 12.50 -3.40 -26.93
N PRO A 337 12.19 -2.85 -25.74
CA PRO A 337 10.94 -2.03 -25.67
C PRO A 337 11.04 -0.85 -26.64
N LEU A 338 9.88 -0.45 -27.17
CA LEU A 338 9.82 0.70 -28.06
C LEU A 338 8.64 1.59 -27.72
N GLY A 339 8.89 2.55 -26.82
CA GLY A 339 7.75 3.40 -26.38
C GLY A 339 8.24 4.40 -25.35
N ASP A 340 7.25 5.14 -24.84
CA ASP A 340 7.49 6.22 -23.88
C ASP A 340 6.09 6.67 -23.44
N ASP A 341 6.07 7.78 -22.69
CA ASP A 341 4.80 8.21 -22.09
C ASP A 341 3.78 8.63 -23.14
N PHE A 342 2.56 8.08 -23.03
CA PHE A 342 1.47 8.46 -23.90
C PHE A 342 1.85 8.47 -25.40
N ARG A 343 2.66 7.48 -25.75
CA ARG A 343 3.05 7.30 -27.17
C ARG A 343 1.98 6.57 -27.93
N PHE A 344 2.17 6.59 -29.24
CA PHE A 344 1.27 5.92 -30.20
C PHE A 344 -0.10 6.58 -30.21
N LYS A 345 -0.08 7.89 -30.08
CA LYS A 345 -1.27 8.73 -30.01
C LYS A 345 -1.76 9.14 -31.40
N GLN A 346 -0.82 9.60 -32.22
CA GLN A 346 -1.18 10.07 -33.55
C GLN A 346 -1.08 8.97 -34.62
N ASN A 347 -1.98 9.00 -35.60
CA ASN A 347 -1.88 8.11 -36.74
C ASN A 347 -0.53 8.18 -37.42
N THR A 348 -0.09 9.42 -37.58
CA THR A 348 1.18 9.64 -38.24
C THR A 348 2.36 9.08 -37.41
N GLU A 349 2.18 9.02 -36.08
CA GLU A 349 3.22 8.42 -35.25
C GLU A 349 3.31 6.89 -35.42
N TRP A 350 2.14 6.26 -35.47
CA TRP A 350 2.11 4.82 -35.78
C TRP A 350 2.84 4.55 -37.08
N ASP A 351 2.59 5.39 -38.09
CA ASP A 351 3.19 5.17 -39.41
C ASP A 351 4.70 5.36 -39.33
N VAL A 352 5.14 6.43 -38.70
CA VAL A 352 6.57 6.77 -38.78
C VAL A 352 7.40 5.72 -38.02
N GLN A 353 6.92 5.28 -36.88
CA GLN A 353 7.65 4.22 -36.16
C GLN A 353 7.60 2.90 -36.90
N ARG A 354 6.38 2.48 -37.27
CA ARG A 354 6.22 1.18 -37.91
C ARG A 354 7.00 1.09 -39.23
N VAL A 355 6.86 2.08 -40.09
CA VAL A 355 7.46 1.97 -41.46
C VAL A 355 8.98 1.98 -41.38
N ASN A 356 9.52 2.88 -40.54
CA ASN A 356 11.00 2.93 -40.40
C ASN A 356 11.56 1.61 -39.78
N TYR A 357 10.90 1.06 -38.75
CA TYR A 357 11.38 -0.20 -38.19
C TYR A 357 11.24 -1.38 -39.18
N GLU A 358 10.12 -1.44 -39.91
CA GLU A 358 9.94 -2.46 -40.95
C GLU A 358 11.08 -2.40 -41.95
N ARG A 359 11.48 -1.18 -42.33
CA ARG A 359 12.61 -1.07 -43.29
C ARG A 359 13.90 -1.59 -42.72
N LEU A 360 14.12 -1.31 -41.43
CA LEU A 360 15.31 -1.83 -40.74
C LEU A 360 15.26 -3.36 -40.67
N PHE A 361 14.09 -3.91 -40.28
CA PHE A 361 13.98 -5.36 -40.10
C PHE A 361 14.23 -6.05 -41.43
N GLU A 362 13.66 -5.50 -42.49
CA GLU A 362 13.82 -6.15 -43.82
C GLU A 362 15.31 -6.22 -44.17
N HIS A 363 16.02 -5.12 -43.95
CA HIS A 363 17.45 -5.11 -44.28
C HIS A 363 18.22 -6.06 -43.34
N ILE A 364 18.09 -5.86 -42.01
CA ILE A 364 18.83 -6.64 -41.07
C ILE A 364 18.62 -8.11 -41.25
N ASN A 365 17.39 -8.54 -41.44
CA ASN A 365 17.09 -9.98 -41.41
C ASN A 365 17.56 -10.69 -42.68
N SER A 366 17.63 -9.94 -43.76
CA SER A 366 18.03 -10.50 -45.06
C SER A 366 19.54 -10.49 -45.23
N GLN A 367 20.25 -9.73 -44.40
CA GLN A 367 21.71 -9.63 -44.48
C GLN A 367 22.38 -10.53 -43.47
N ALA A 368 22.82 -11.70 -43.97
CA ALA A 368 23.33 -12.76 -43.10
C ALA A 368 24.46 -12.33 -42.20
N HIS A 369 25.28 -11.36 -42.65
CA HIS A 369 26.41 -10.91 -41.85
C HIS A 369 26.04 -10.32 -40.48
N PHE A 370 24.82 -9.84 -40.32
CA PHE A 370 24.42 -9.40 -38.96
C PHE A 370 24.13 -10.57 -38.03
N ASN A 371 23.66 -11.70 -38.59
CA ASN A 371 23.23 -12.86 -37.81
C ASN A 371 22.20 -12.45 -36.76
N VAL A 372 21.25 -11.65 -37.24
CA VAL A 372 20.12 -11.14 -36.38
C VAL A 372 18.81 -11.46 -37.04
N GLN A 373 17.82 -11.86 -36.25
CA GLN A 373 16.45 -11.97 -36.74
C GLN A 373 15.62 -11.09 -35.81
N ALA A 374 15.17 -9.96 -36.35
CA ALA A 374 14.43 -8.97 -35.53
C ALA A 374 12.99 -8.82 -35.98
N GLN A 375 12.08 -8.62 -35.03
CA GLN A 375 10.65 -8.50 -35.40
C GLN A 375 9.95 -7.74 -34.30
N PHE A 376 8.77 -7.20 -34.61
CA PHE A 376 7.91 -6.74 -33.52
C PHE A 376 7.49 -7.95 -32.74
N GLY A 377 7.41 -7.78 -31.43
CA GLY A 377 6.96 -8.85 -30.56
C GLY A 377 6.17 -8.30 -29.39
N THR A 378 5.60 -9.24 -28.66
CA THR A 378 4.96 -8.89 -27.40
C THR A 378 5.87 -9.37 -26.26
N LEU A 379 5.51 -8.97 -25.04
CA LEU A 379 6.29 -9.38 -23.90
C LEU A 379 6.27 -10.87 -23.67
N GLN A 380 5.07 -11.46 -23.79
CA GLN A 380 4.96 -12.91 -23.61
C GLN A 380 5.81 -13.62 -24.65
N GLU A 381 5.86 -13.11 -25.88
CA GLU A 381 6.65 -13.73 -26.93
C GLU A 381 8.14 -13.77 -26.53
N TYR A 382 8.60 -12.67 -25.92
CA TYR A 382 9.98 -12.59 -25.48
C TYR A 382 10.22 -13.66 -24.42
N PHE A 383 9.39 -13.68 -23.37
CA PHE A 383 9.64 -14.62 -22.30
C PHE A 383 9.54 -16.05 -22.78
N ASP A 384 8.58 -16.32 -23.65
CA ASP A 384 8.44 -17.71 -24.18
C ASP A 384 9.75 -18.10 -24.84
N ALA A 385 10.32 -17.17 -25.61
CA ALA A 385 11.54 -17.52 -26.35
C ALA A 385 12.72 -17.68 -25.40
N VAL A 386 12.78 -16.86 -24.33
CA VAL A 386 13.84 -17.04 -23.35
C VAL A 386 13.79 -18.41 -22.67
N HIS A 387 12.58 -18.85 -22.36
CA HIS A 387 12.43 -20.12 -21.66
C HIS A 387 12.70 -21.30 -22.57
N GLN A 388 12.41 -21.10 -23.86
CA GLN A 388 12.77 -22.09 -24.88
C GLN A 388 14.29 -22.22 -24.90
N ALA A 389 14.99 -21.09 -24.91
CA ALA A 389 16.46 -21.09 -24.87
C ALA A 389 16.99 -21.77 -23.59
N GLU A 390 16.35 -21.51 -22.45
CA GLU A 390 16.75 -22.10 -21.18
C GLU A 390 16.58 -23.62 -21.22
N ARG A 391 15.46 -24.06 -21.77
CA ARG A 391 15.17 -25.47 -21.92
C ARG A 391 16.18 -26.13 -22.84
N ALA A 392 16.67 -25.38 -23.84
CA ALA A 392 17.69 -25.88 -24.77
C ALA A 392 19.09 -25.90 -24.13
N GLY A 393 19.16 -25.50 -22.86
CA GLY A 393 20.43 -25.48 -22.12
C GLY A 393 21.34 -24.31 -22.43
N GLN A 394 20.79 -23.24 -22.99
CA GLN A 394 21.59 -22.05 -23.25
C GLN A 394 22.12 -21.37 -22.02
N ALA A 395 21.32 -21.43 -20.96
CA ALA A 395 21.59 -20.63 -19.80
C ALA A 395 20.98 -21.23 -18.56
N GLU A 396 21.60 -20.92 -17.43
CA GLU A 396 20.98 -21.22 -16.16
C GLU A 396 20.86 -19.85 -15.52
N PHE A 397 19.71 -19.61 -14.92
CA PHE A 397 19.50 -18.32 -14.28
C PHE A 397 19.80 -18.30 -12.79
N PRO A 398 20.32 -17.16 -12.29
CA PRO A 398 20.60 -17.03 -10.86
C PRO A 398 19.33 -16.83 -10.06
N THR A 399 19.38 -17.23 -8.78
CA THR A 399 18.30 -17.02 -7.81
C THR A 399 18.60 -15.77 -7.03
N LEU A 400 17.53 -15.05 -6.65
CA LEU A 400 17.68 -13.76 -5.97
C LEU A 400 16.58 -13.60 -4.92
N SER A 401 16.97 -13.01 -3.79
CA SER A 401 15.94 -12.54 -2.87
C SER A 401 16.29 -11.16 -2.38
N GLY A 402 15.26 -10.48 -1.87
CA GLY A 402 15.40 -9.14 -1.37
C GLY A 402 14.50 -8.18 -2.09
N ASP A 403 14.74 -6.90 -1.83
CA ASP A 403 13.95 -5.88 -2.48
C ASP A 403 14.84 -4.86 -3.17
N PHE A 404 14.21 -3.91 -3.83
CA PHE A 404 14.88 -2.88 -4.60
C PHE A 404 14.47 -1.49 -4.14
N PHE A 405 14.56 -1.29 -2.83
CA PHE A 405 14.49 0.07 -2.27
C PHE A 405 15.79 0.36 -1.54
N THR A 406 16.18 1.63 -1.39
CA THR A 406 15.54 2.80 -1.96
C THR A 406 16.17 3.13 -3.31
N TYR A 407 15.31 3.42 -4.26
CA TYR A 407 15.77 3.73 -5.60
C TYR A 407 16.50 5.08 -5.69
N ALA A 408 17.59 5.12 -6.46
CA ALA A 408 18.13 6.38 -6.93
C ALA A 408 18.35 6.23 -8.44
N ASP A 409 17.96 7.27 -9.17
CA ASP A 409 18.12 7.26 -10.65
C ASP A 409 19.46 7.86 -11.07
N ARG A 410 19.99 8.74 -10.23
CA ARG A 410 21.31 9.35 -10.48
C ARG A 410 21.91 9.97 -9.21
N SER A 411 23.23 10.12 -9.20
CA SER A 411 23.98 10.63 -8.04
C SER A 411 23.39 10.27 -6.67
N ASP A 412 23.08 11.28 -5.87
CA ASP A 412 22.56 11.06 -4.53
C ASP A 412 21.04 11.32 -4.48
N ASN A 413 20.41 11.24 -5.64
CA ASN A 413 18.99 11.55 -5.75
C ASN A 413 18.16 10.30 -5.44
N TYR A 414 17.95 10.09 -4.12
CA TYR A 414 17.17 8.94 -3.65
C TYR A 414 15.71 9.31 -3.50
N TRP A 415 14.86 8.41 -3.97
CA TRP A 415 13.43 8.68 -4.07
C TRP A 415 12.75 8.17 -2.82
N SER A 416 13.13 8.73 -1.68
CA SER A 416 12.51 8.42 -0.42
C SER A 416 11.50 9.49 0.00
N GLY A 417 11.40 10.57 -0.76
CA GLY A 417 10.43 11.65 -0.42
C GLY A 417 9.00 11.15 -0.57
N TYR A 418 8.77 10.35 -1.61
CA TYR A 418 7.39 9.91 -1.89
C TYR A 418 6.92 8.82 -0.91
N TYR A 419 7.76 8.38 0.01
CA TYR A 419 7.25 7.55 1.08
C TYR A 419 6.37 8.30 2.05
N THR A 420 6.41 9.65 1.94
CA THR A 420 5.66 10.51 2.87
C THR A 420 4.79 11.52 2.17
N SER A 421 5.12 11.91 0.95
CA SER A 421 4.40 12.99 0.26
C SER A 421 2.89 12.81 0.31
N ARG A 422 2.19 13.91 0.60
CA ARG A 422 0.72 13.90 0.66
C ARG A 422 0.22 12.83 1.62
N PRO A 423 0.61 12.97 2.88
CA PRO A 423 0.30 11.95 3.89
C PRO A 423 -1.21 11.89 4.23
N TYR A 424 -1.97 12.98 4.00
CA TYR A 424 -3.40 12.84 4.21
C TYR A 424 -3.99 11.75 3.36
N HIS A 425 -3.59 11.69 2.11
CA HIS A 425 -4.15 10.72 1.22
C HIS A 425 -3.58 9.33 1.42
N LYS A 426 -2.32 9.25 1.85
CA LYS A 426 -1.75 7.97 2.31
C LYS A 426 -2.58 7.37 3.43
N ARG A 427 -2.98 8.20 4.39
CA ARG A 427 -3.82 7.71 5.47
C ARG A 427 -5.22 7.34 4.95
N MET A 428 -5.77 8.18 4.06
CA MET A 428 -7.10 7.91 3.50
C MET A 428 -7.11 6.55 2.77
N ASP A 429 -5.99 6.19 2.13
CA ASP A 429 -5.86 4.91 1.46
C ASP A 429 -6.14 3.75 2.41
N ARG A 430 -5.57 3.84 3.61
CA ARG A 430 -5.69 2.75 4.57
C ARG A 430 -7.09 2.67 5.14
N VAL A 431 -7.72 3.82 5.27
CA VAL A 431 -9.09 3.87 5.73
C VAL A 431 -9.99 3.22 4.67
N LEU A 432 -9.84 3.65 3.43
CA LEU A 432 -10.72 3.09 2.40
C LEU A 432 -10.42 1.61 2.23
N MET A 433 -9.16 1.17 2.40
CA MET A 433 -8.83 -0.27 2.28
C MET A 433 -9.72 -1.05 3.23
N HIS A 434 -9.82 -0.55 4.46
CA HIS A 434 -10.60 -1.27 5.44
C HIS A 434 -12.10 -1.21 5.12
N TYR A 435 -12.59 -0.05 4.72
CA TYR A 435 -14.04 0.01 4.47
C TYR A 435 -14.45 -0.78 3.21
N VAL A 436 -13.57 -0.90 2.20
CA VAL A 436 -13.90 -1.80 1.07
C VAL A 436 -13.97 -3.25 1.57
N ARG A 437 -12.98 -3.68 2.37
CA ARG A 437 -13.01 -5.04 2.93
C ARG A 437 -14.30 -5.25 3.74
N ALA A 438 -14.63 -4.32 4.62
CA ALA A 438 -15.81 -4.47 5.48
C ALA A 438 -17.11 -4.46 4.68
N ALA A 439 -17.19 -3.60 3.65
CA ALA A 439 -18.41 -3.57 2.86
C ALA A 439 -18.59 -4.83 2.03
N GLU A 440 -17.49 -5.36 1.47
CA GLU A 440 -17.62 -6.56 0.69
C GLU A 440 -17.99 -7.73 1.59
N MET A 441 -17.43 -7.78 2.80
CA MET A 441 -17.65 -8.91 3.69
C MET A 441 -19.07 -8.83 4.22
N LEU A 442 -19.48 -7.67 4.72
CA LEU A 442 -20.82 -7.58 5.30
C LEU A 442 -21.91 -7.91 4.28
N SER A 443 -21.70 -7.48 3.04
CA SER A 443 -22.77 -7.65 2.03
C SER A 443 -22.70 -9.05 1.43
N ALA A 444 -21.59 -9.76 1.64
CA ALA A 444 -21.40 -11.10 1.05
C ALA A 444 -22.31 -12.17 1.66
N TRP A 445 -22.73 -11.94 2.89
CA TRP A 445 -23.53 -12.96 3.60
C TRP A 445 -24.85 -13.24 2.94
N HIS A 446 -25.36 -12.26 2.21
CA HIS A 446 -26.63 -12.45 1.49
C HIS A 446 -26.48 -12.19 0.00
N SER A 447 -27.47 -12.66 -0.74
CA SER A 447 -27.61 -12.26 -2.10
C SER A 447 -28.54 -11.04 -2.06
N TRP A 448 -28.28 -10.05 -2.90
CA TRP A 448 -29.06 -8.82 -2.87
C TRP A 448 -29.82 -8.63 -4.18
N ASP A 449 -31.08 -8.23 -4.09
CA ASP A 449 -31.79 -7.77 -5.26
C ASP A 449 -31.00 -6.72 -5.97
N GLY A 450 -31.09 -6.73 -7.29
CA GLY A 450 -30.44 -5.72 -8.12
C GLY A 450 -30.83 -4.31 -7.75
N MET A 451 -32.07 -4.10 -7.25
CA MET A 451 -32.50 -2.74 -6.88
C MET A 451 -31.73 -2.11 -5.71
N ALA A 452 -31.07 -2.95 -4.93
CA ALA A 452 -30.27 -2.52 -3.79
C ALA A 452 -28.99 -1.83 -4.26
N ARG A 453 -28.57 -2.16 -5.46
CA ARG A 453 -27.41 -1.48 -6.08
C ARG A 453 -26.11 -1.74 -5.34
N ILE A 454 -26.06 -2.88 -4.68
CA ILE A 454 -24.89 -3.23 -3.88
C ILE A 454 -23.69 -3.42 -4.79
N GLU A 455 -23.87 -4.18 -5.86
CA GLU A 455 -22.74 -4.49 -6.76
C GLU A 455 -22.24 -3.23 -7.41
N GLU A 456 -23.13 -2.31 -7.79
CA GLU A 456 -22.73 -1.02 -8.35
C GLU A 456 -21.87 -0.24 -7.40
N ARG A 457 -22.31 -0.17 -6.14
CA ARG A 457 -21.57 0.63 -5.16
C ARG A 457 -20.21 -0.01 -4.84
N LEU A 458 -20.20 -1.35 -4.70
CA LEU A 458 -18.92 -2.05 -4.38
C LEU A 458 -17.95 -1.94 -5.55
N GLU A 459 -18.46 -2.06 -6.77
CA GLU A 459 -17.56 -1.89 -7.95
C GLU A 459 -16.96 -0.48 -8.00
N GLN A 460 -17.77 0.53 -7.75
CA GLN A 460 -17.26 1.91 -7.66
C GLN A 460 -16.18 2.03 -6.60
N ALA A 461 -16.45 1.53 -5.39
CA ALA A 461 -15.46 1.65 -4.34
C ALA A 461 -14.18 0.89 -4.66
N ARG A 462 -14.28 -0.35 -5.19
CA ARG A 462 -13.08 -1.12 -5.52
C ARG A 462 -12.28 -0.37 -6.58
N ARG A 463 -12.96 0.20 -7.57
CA ARG A 463 -12.24 0.87 -8.67
C ARG A 463 -11.58 2.16 -8.25
N GLU A 464 -12.21 2.93 -7.35
CA GLU A 464 -11.59 4.19 -6.90
C GLU A 464 -10.36 3.80 -6.06
N LEU A 465 -10.49 2.81 -5.17
CA LEU A 465 -9.33 2.44 -4.36
C LEU A 465 -8.24 1.87 -5.25
N SER A 466 -8.61 1.06 -6.25
CA SER A 466 -7.65 0.48 -7.13
C SER A 466 -6.92 1.59 -7.94
N LEU A 467 -7.66 2.58 -8.44
CA LEU A 467 -7.05 3.68 -9.17
C LEU A 467 -5.96 4.34 -8.32
N PHE A 468 -6.27 4.54 -7.02
CA PHE A 468 -5.31 5.25 -6.13
C PHE A 468 -4.02 4.49 -5.91
N GLN A 469 -4.01 3.19 -6.19
CA GLN A 469 -2.75 2.44 -6.07
C GLN A 469 -1.74 2.80 -7.16
N HIS A 470 -2.17 3.58 -8.16
CA HIS A 470 -1.25 4.03 -9.19
C HIS A 470 0.02 4.68 -8.57
N HIS A 471 1.16 4.52 -9.26
CA HIS A 471 2.42 5.07 -8.79
C HIS A 471 2.50 6.62 -8.85
N ASP A 472 1.40 7.31 -9.17
CA ASP A 472 1.32 8.74 -8.90
C ASP A 472 0.12 9.08 -8.03
N GLY A 473 -0.48 8.06 -7.44
CA GLY A 473 -1.62 8.28 -6.57
C GLY A 473 -1.16 8.30 -5.13
N ILE A 474 -1.14 7.12 -4.55
CA ILE A 474 -0.78 6.94 -3.15
C ILE A 474 0.61 7.50 -2.88
N THR A 475 1.43 7.54 -3.91
CA THR A 475 2.81 8.04 -3.78
C THR A 475 2.82 9.54 -3.49
N GLY A 476 1.73 10.25 -3.78
CA GLY A 476 1.73 11.71 -3.55
C GLY A 476 2.60 12.47 -4.52
N THR A 477 2.68 11.98 -5.75
CA THR A 477 3.50 12.60 -6.78
C THR A 477 2.72 13.17 -7.97
N ALA A 478 1.45 13.46 -7.75
CA ALA A 478 0.61 14.08 -8.78
C ALA A 478 0.46 15.60 -8.57
N LYS A 479 -0.02 16.29 -9.61
CA LYS A 479 -0.27 17.70 -9.48
C LYS A 479 -1.41 17.94 -8.49
N THR A 480 -1.39 19.11 -7.88
CA THR A 480 -2.38 19.48 -6.90
C THR A 480 -3.83 19.14 -7.29
N HIS A 481 -4.25 19.51 -8.51
CA HIS A 481 -5.64 19.26 -8.88
C HIS A 481 -5.93 17.79 -9.10
N VAL A 482 -4.87 17.03 -9.41
CA VAL A 482 -5.02 15.59 -9.60
C VAL A 482 -5.16 14.93 -8.21
N VAL A 483 -4.38 15.38 -7.24
CA VAL A 483 -4.54 14.89 -5.86
C VAL A 483 -5.99 15.16 -5.41
N VAL A 484 -6.52 16.35 -5.70
CA VAL A 484 -7.93 16.64 -5.34
C VAL A 484 -8.89 15.66 -6.02
N ASP A 485 -8.67 15.33 -7.31
CA ASP A 485 -9.50 14.36 -8.00
C ASP A 485 -9.47 13.00 -7.29
N TYR A 486 -8.26 12.54 -6.92
CA TYR A 486 -8.15 11.27 -6.23
C TYR A 486 -8.90 11.32 -4.90
N GLU A 487 -8.72 12.39 -4.15
CA GLU A 487 -9.40 12.60 -2.87
C GLU A 487 -10.93 12.55 -3.03
N GLN A 488 -11.46 13.28 -4.01
CA GLN A 488 -12.92 13.29 -4.22
C GLN A 488 -13.41 11.91 -4.57
N ARG A 489 -12.65 11.22 -5.42
CA ARG A 489 -13.04 9.89 -5.82
C ARG A 489 -13.08 8.95 -4.57
N MET A 490 -12.06 9.06 -3.73
CA MET A 490 -12.02 8.21 -2.50
C MET A 490 -13.12 8.58 -1.52
N GLN A 491 -13.48 9.86 -1.46
CA GLN A 491 -14.62 10.28 -0.62
C GLN A 491 -15.91 9.64 -1.12
N GLU A 492 -16.12 9.63 -2.44
CA GLU A 492 -17.29 8.93 -2.98
C GLU A 492 -17.23 7.46 -2.68
N ALA A 493 -16.04 6.85 -2.78
CA ALA A 493 -15.90 5.43 -2.47
C ALA A 493 -16.25 5.08 -1.00
N LEU A 494 -15.82 5.95 -0.08
CA LEU A 494 -16.16 5.77 1.33
C LEU A 494 -17.67 5.85 1.55
N LYS A 495 -18.30 6.83 0.89
CA LYS A 495 -19.76 6.90 0.95
C LYS A 495 -20.47 5.64 0.44
N ALA A 496 -19.97 5.11 -0.68
CA ALA A 496 -20.53 3.89 -1.22
C ALA A 496 -20.38 2.74 -0.19
N CYS A 497 -19.19 2.63 0.39
CA CYS A 497 -18.94 1.58 1.40
C CYS A 497 -19.90 1.77 2.57
N GLN A 498 -20.05 3.01 3.06
CA GLN A 498 -20.95 3.25 4.19
C GLN A 498 -22.37 2.76 3.85
N MET A 499 -22.83 3.09 2.66
CA MET A 499 -24.18 2.73 2.24
C MET A 499 -24.37 1.21 2.25
N VAL A 500 -23.43 0.47 1.68
CA VAL A 500 -23.53 -0.97 1.62
C VAL A 500 -23.46 -1.57 3.04
N MET A 501 -22.53 -1.07 3.84
CA MET A 501 -22.33 -1.59 5.21
C MET A 501 -23.61 -1.43 6.01
N GLN A 502 -24.20 -0.24 5.95
CA GLN A 502 -25.32 0.04 6.88
C GLN A 502 -26.58 -0.74 6.44
N GLN A 503 -26.78 -0.92 5.14
CA GLN A 503 -27.86 -1.77 4.67
C GLN A 503 -27.66 -3.22 5.09
N SER A 504 -26.40 -3.66 5.05
CA SER A 504 -26.06 -4.99 5.43
C SER A 504 -26.29 -5.23 6.92
N VAL A 505 -25.90 -4.27 7.76
CA VAL A 505 -26.07 -4.40 9.21
C VAL A 505 -27.59 -4.52 9.49
N TYR A 506 -28.38 -3.63 8.88
CA TYR A 506 -29.85 -3.67 9.12
C TYR A 506 -30.40 -5.07 8.78
N ARG A 507 -29.98 -5.62 7.65
CA ARG A 507 -30.43 -6.94 7.30
C ARG A 507 -29.95 -8.05 8.22
N LEU A 508 -28.68 -7.99 8.70
CA LEU A 508 -28.09 -9.11 9.45
C LEU A 508 -28.60 -9.14 10.89
N LEU A 509 -29.17 -8.01 11.33
CA LEU A 509 -29.54 -7.90 12.77
C LEU A 509 -31.02 -7.61 12.93
N THR A 510 -31.83 -7.94 11.93
CA THR A 510 -33.27 -7.69 12.10
C THR A 510 -33.95 -9.03 11.85
N LYS A 511 -34.91 -9.36 12.73
CA LYS A 511 -35.64 -10.64 12.60
C LYS A 511 -36.18 -10.74 11.18
N PRO A 512 -35.90 -11.89 10.50
CA PRO A 512 -36.23 -12.02 9.07
C PRO A 512 -37.67 -11.69 8.65
N SER A 513 -38.64 -12.08 9.46
CA SER A 513 -40.05 -11.75 9.16
C SER A 513 -40.44 -10.28 9.46
N ILE A 514 -39.51 -9.51 10.03
CA ILE A 514 -39.72 -8.09 10.39
C ILE A 514 -38.94 -7.14 9.42
N TYR A 515 -37.80 -7.64 8.96
CA TYR A 515 -36.94 -6.92 8.00
C TYR A 515 -37.74 -6.30 6.80
N SER A 516 -37.79 -4.96 6.72
CA SER A 516 -38.52 -4.27 5.67
C SER A 516 -37.66 -3.21 5.03
N PRO A 517 -36.70 -3.65 4.21
CA PRO A 517 -35.77 -2.63 3.76
C PRO A 517 -36.33 -1.69 2.74
N ASP A 518 -35.88 -0.46 2.82
CA ASP A 518 -35.84 0.38 1.68
C ASP A 518 -34.39 0.68 1.32
N PHE A 519 -34.01 0.38 0.09
CA PHE A 519 -32.58 0.39 -0.24
C PHE A 519 -31.92 1.78 -0.40
N SER A 520 -32.71 2.86 -0.28
CA SER A 520 -32.20 4.22 -0.36
C SER A 520 -32.16 4.88 1.03
N PHE A 521 -32.51 4.14 2.05
CA PHE A 521 -32.65 4.76 3.37
C PHE A 521 -31.43 4.52 4.28
N SER A 522 -31.22 5.43 5.22
CA SER A 522 -30.07 5.37 6.17
C SER A 522 -30.58 4.81 7.51
N TYR A 523 -30.35 3.51 7.68
CA TYR A 523 -30.66 2.82 8.93
C TYR A 523 -29.62 3.09 9.99
N PHE A 524 -28.36 3.18 9.56
CA PHE A 524 -27.26 3.47 10.51
C PHE A 524 -26.37 4.48 9.90
N THR A 525 -25.73 5.25 10.74
CA THR A 525 -24.56 6.00 10.26
C THR A 525 -23.30 5.47 10.89
N LEU A 526 -22.23 5.49 10.10
CA LEU A 526 -20.93 5.09 10.59
C LEU A 526 -20.36 6.17 11.50
N ASP A 527 -19.69 5.73 12.55
CA ASP A 527 -19.00 6.63 13.46
C ASP A 527 -17.54 6.18 13.41
N ASP A 528 -16.65 7.09 13.05
CA ASP A 528 -15.24 6.73 12.96
C ASP A 528 -14.48 7.76 13.75
N SER A 529 -13.82 7.28 14.79
CA SER A 529 -13.06 8.17 15.68
C SER A 529 -11.72 8.66 15.12
N ARG A 530 -11.25 8.03 14.05
CA ARG A 530 -9.87 8.27 13.64
C ARG A 530 -9.77 8.67 12.20
N TRP A 531 -10.89 8.93 11.54
CA TRP A 531 -10.87 9.49 10.21
C TRP A 531 -12.15 10.27 9.99
N PRO A 532 -12.01 11.52 9.52
CA PRO A 532 -10.76 12.25 9.33
C PRO A 532 -10.01 12.53 10.61
N GLY A 533 -10.72 12.43 11.75
CA GLY A 533 -10.07 12.63 13.05
C GLY A 533 -10.32 13.96 13.71
N SER A 534 -10.25 13.93 15.04
CA SER A 534 -10.36 15.11 15.89
C SER A 534 -9.39 16.17 15.40
N GLY A 535 -9.92 17.37 15.17
CA GLY A 535 -9.11 18.48 14.69
C GLY A 535 -8.89 18.51 13.20
N VAL A 536 -9.32 17.46 12.51
CA VAL A 536 -9.26 17.45 11.05
C VAL A 536 -10.64 17.83 10.49
N GLU A 537 -11.69 17.23 11.04
CA GLU A 537 -13.06 17.52 10.60
C GLU A 537 -14.02 17.18 11.73
N ASP A 538 -15.00 18.06 11.97
CA ASP A 538 -16.06 17.77 12.97
C ASP A 538 -17.15 16.96 12.29
N SER A 539 -16.83 15.72 11.99
CA SER A 539 -17.66 14.88 11.15
C SER A 539 -18.58 13.99 11.96
N ARG A 540 -18.26 13.81 13.25
CA ARG A 540 -18.92 12.79 14.07
C ARG A 540 -20.26 13.24 14.61
N THR A 541 -21.20 12.30 14.58
CA THR A 541 -22.57 12.51 15.02
C THR A 541 -22.65 12.34 16.53
N THR A 542 -23.30 13.30 17.20
CA THR A 542 -23.58 13.15 18.60
C THR A 542 -24.85 12.36 18.78
N ILE A 543 -24.77 11.34 19.64
CA ILE A 543 -26.00 10.62 20.05
C ILE A 543 -26.80 11.49 21.01
N ILE A 544 -28.01 11.85 20.64
CA ILE A 544 -28.79 12.73 21.43
C ILE A 544 -29.82 11.99 22.22
N LEU A 545 -29.72 12.08 23.53
CA LEU A 545 -30.57 11.35 24.49
C LEU A 545 -31.10 12.34 25.50
N GLY A 546 -32.20 11.99 26.11
CA GLY A 546 -32.70 12.85 27.19
C GLY A 546 -33.91 12.23 27.83
N GLU A 547 -34.04 12.48 29.13
CA GLU A 547 -35.16 11.97 29.91
C GLU A 547 -36.50 12.34 29.30
N ASP A 548 -36.56 13.52 28.68
CA ASP A 548 -37.82 14.02 28.14
C ASP A 548 -38.10 13.65 26.68
N ILE A 549 -37.16 12.95 26.04
CA ILE A 549 -37.25 12.72 24.59
C ILE A 549 -37.00 11.28 24.11
N LEU A 550 -35.87 10.71 24.49
CA LEU A 550 -35.40 9.46 23.88
C LEU A 550 -34.40 8.90 24.88
N PRO A 551 -34.82 7.86 25.58
CA PRO A 551 -33.94 7.36 26.67
C PRO A 551 -32.71 6.61 26.18
N SER A 552 -32.81 5.97 25.01
CA SER A 552 -31.75 5.03 24.64
C SER A 552 -31.47 4.98 23.17
N LYS A 553 -30.30 4.45 22.85
CA LYS A 553 -29.84 4.39 21.47
C LYS A 553 -29.11 3.07 21.23
N HIS A 554 -29.44 2.33 20.13
CA HIS A 554 -28.67 1.16 19.75
C HIS A 554 -27.43 1.59 18.97
N VAL A 555 -26.32 0.92 19.27
CA VAL A 555 -25.12 1.04 18.46
C VAL A 555 -24.67 -0.39 18.15
N VAL A 556 -23.96 -0.57 17.04
CA VAL A 556 -23.59 -1.87 16.56
C VAL A 556 -22.13 -1.81 16.14
N MET A 557 -21.37 -2.81 16.57
CA MET A 557 -19.94 -2.92 16.13
C MET A 557 -19.80 -4.12 15.21
N HIS A 558 -18.98 -3.94 14.18
CA HIS A 558 -18.62 -5.00 13.25
C HIS A 558 -17.14 -5.35 13.42
N ASN A 559 -16.86 -6.64 13.38
CA ASN A 559 -15.51 -7.17 13.44
C ASN A 559 -15.18 -7.97 12.18
N THR A 560 -14.39 -7.38 11.31
CA THR A 560 -14.04 -8.04 10.08
C THR A 560 -13.04 -9.19 10.24
N LEU A 561 -12.35 -9.26 11.38
CA LEU A 561 -11.33 -10.32 11.59
C LEU A 561 -12.00 -11.65 12.03
N PRO A 562 -11.44 -12.77 11.61
CA PRO A 562 -12.02 -14.10 11.92
C PRO A 562 -11.67 -14.66 13.28
N HIS A 563 -11.59 -13.79 14.30
CA HIS A 563 -11.55 -14.25 15.69
C HIS A 563 -12.38 -13.33 16.54
N TRP A 564 -12.81 -13.84 17.72
CA TRP A 564 -13.48 -12.96 18.67
C TRP A 564 -12.59 -11.80 19.00
N ARG A 565 -13.16 -10.61 19.09
CA ARG A 565 -12.30 -9.46 19.38
C ARG A 565 -12.96 -8.55 20.38
N GLU A 566 -12.16 -8.07 21.31
CA GLU A 566 -12.60 -7.00 22.19
C GLU A 566 -11.78 -5.76 21.85
N GLN A 567 -12.44 -4.60 21.83
CA GLN A 567 -11.74 -3.34 21.54
C GLN A 567 -12.56 -2.25 22.24
N LEU A 568 -11.89 -1.28 22.85
CA LEU A 568 -12.62 -0.11 23.38
C LEU A 568 -13.13 0.67 22.20
N VAL A 569 -14.39 1.03 22.29
CA VAL A 569 -15.00 1.94 21.32
C VAL A 569 -15.53 3.17 22.01
N ASP A 570 -15.65 4.28 21.27
CA ASP A 570 -16.15 5.50 21.89
C ASP A 570 -17.21 6.13 21.01
N PHE A 571 -18.13 6.83 21.65
CA PHE A 571 -19.19 7.57 20.95
C PHE A 571 -19.34 8.92 21.60
N TYR A 572 -19.81 9.91 20.82
CA TYR A 572 -20.17 11.19 21.42
C TYR A 572 -21.63 11.13 21.84
N VAL A 573 -21.90 11.60 23.03
CA VAL A 573 -23.27 11.62 23.56
C VAL A 573 -23.59 13.01 24.14
N SER A 574 -24.88 13.29 24.23
CA SER A 574 -25.33 14.64 24.65
C SER A 574 -25.36 14.85 26.16
N SER A 575 -25.11 13.78 26.91
CA SER A 575 -25.11 13.87 28.39
C SER A 575 -23.97 13.02 28.92
N PRO A 576 -23.40 13.40 30.06
CA PRO A 576 -22.39 12.49 30.66
C PRO A 576 -22.99 11.35 31.45
N PHE A 577 -24.31 11.37 31.63
CA PHE A 577 -24.96 10.43 32.53
C PHE A 577 -25.57 9.35 31.69
N VAL A 578 -24.68 8.52 31.16
CA VAL A 578 -25.06 7.44 30.24
C VAL A 578 -24.51 6.11 30.72
N SER A 579 -25.37 5.10 30.64
CA SER A 579 -25.07 3.70 30.99
C SER A 579 -25.03 2.86 29.69
N VAL A 580 -24.20 1.83 29.70
CA VAL A 580 -24.10 0.94 28.51
C VAL A 580 -24.57 -0.44 28.93
N THR A 581 -25.31 -1.09 28.06
CA THR A 581 -25.69 -2.46 28.26
C THR A 581 -25.49 -3.22 26.95
N ASP A 582 -25.45 -4.54 27.05
CA ASP A 582 -25.49 -5.41 25.87
C ASP A 582 -26.94 -5.76 25.57
N LEU A 583 -27.19 -6.56 24.54
CA LEU A 583 -28.59 -6.81 24.20
C LEU A 583 -29.23 -7.98 24.93
N ALA A 584 -28.63 -8.37 26.06
CA ALA A 584 -29.33 -9.13 27.09
C ALA A 584 -29.51 -8.23 28.33
N ASN A 585 -29.23 -6.94 28.15
CA ASN A 585 -29.40 -5.96 29.19
C ASN A 585 -28.38 -6.12 30.34
N ASN A 586 -27.25 -6.77 30.05
CA ASN A 586 -26.16 -6.91 31.04
C ASN A 586 -25.44 -5.57 31.07
N PRO A 587 -25.25 -4.99 32.24
CA PRO A 587 -24.42 -3.79 32.30
C PRO A 587 -23.02 -3.99 31.77
N VAL A 588 -22.50 -2.95 31.13
CA VAL A 588 -21.16 -2.94 30.59
C VAL A 588 -20.40 -1.77 31.24
N GLU A 589 -19.22 -2.02 31.78
CA GLU A 589 -18.43 -0.94 32.36
C GLU A 589 -18.09 0.10 31.30
N ALA A 590 -18.25 1.37 31.66
CA ALA A 590 -18.00 2.43 30.68
C ALA A 590 -17.26 3.55 31.40
N GLN A 591 -16.67 4.42 30.60
CA GLN A 591 -15.97 5.61 31.10
C GLN A 591 -16.45 6.77 30.26
N VAL A 592 -16.78 7.87 30.94
CA VAL A 592 -17.07 9.10 30.23
C VAL A 592 -15.86 10.04 30.41
N SER A 593 -15.54 10.77 29.35
CA SER A 593 -14.44 11.72 29.28
C SER A 593 -14.98 12.94 28.53
N PRO A 594 -14.38 14.11 28.74
CA PRO A 594 -14.83 15.28 27.95
C PRO A 594 -14.43 15.09 26.49
N VAL A 595 -15.00 15.92 25.64
CA VAL A 595 -14.56 16.02 24.23
C VAL A 595 -13.56 17.18 24.17
N TRP A 596 -12.29 16.88 23.97
CA TRP A 596 -11.24 17.91 23.92
C TRP A 596 -10.86 18.20 22.48
N SER A 597 -10.78 19.48 22.14
CA SER A 597 -10.27 19.88 20.82
C SER A 597 -9.15 20.87 21.04
N TRP A 598 -8.29 20.99 20.04
CA TRP A 598 -7.12 21.86 20.17
C TRP A 598 -7.18 22.98 19.17
N HIS A 599 -6.69 24.15 19.59
CA HIS A 599 -6.78 25.36 18.79
C HIS A 599 -5.47 26.13 18.91
N HIS A 600 -5.00 26.65 17.77
CA HIS A 600 -3.87 27.56 17.79
C HIS A 600 -4.51 28.90 18.08
N ASP A 601 -4.50 29.27 19.37
CA ASP A 601 -5.21 30.43 19.90
C ASP A 601 -4.42 31.70 19.61
N THR A 602 -4.64 32.25 18.41
CA THR A 602 -3.89 33.39 17.86
C THR A 602 -3.89 34.63 18.75
N LEU A 603 -4.77 34.66 19.75
CA LEU A 603 -4.80 35.76 20.71
C LEU A 603 -3.76 35.56 21.81
N THR A 604 -3.69 34.35 22.36
CA THR A 604 -2.82 34.06 23.48
C THR A 604 -1.50 33.43 23.05
N LYS A 605 -1.41 33.07 21.77
CA LYS A 605 -0.18 32.50 21.18
C LYS A 605 0.19 31.13 21.75
N THR A 606 -0.83 30.38 22.16
CA THR A 606 -0.60 29.03 22.63
C THR A 606 -1.35 28.04 21.75
N ILE A 607 -0.90 26.81 21.76
CA ILE A 607 -1.71 25.73 21.23
C ILE A 607 -2.29 25.06 22.46
N HIS A 608 -3.60 25.13 22.60
CA HIS A 608 -4.19 24.65 23.82
C HIS A 608 -5.58 24.05 23.61
N PRO A 609 -5.98 23.24 24.57
CA PRO A 609 -7.23 22.49 24.37
C PRO A 609 -8.45 23.29 24.84
N GLN A 610 -9.62 22.94 24.33
CA GLN A 610 -10.89 23.49 24.82
C GLN A 610 -11.78 22.29 24.96
N GLY A 611 -12.54 22.25 26.05
CA GLY A 611 -13.47 21.14 26.25
C GLY A 611 -14.88 21.50 25.82
N SER A 612 -15.60 20.50 25.32
CA SER A 612 -16.97 20.77 24.93
C SER A 612 -17.85 20.93 26.18
N THR A 613 -18.86 21.82 26.08
CA THR A 613 -19.82 21.97 27.16
C THR A 613 -21.15 21.39 26.74
N THR A 614 -21.17 20.71 25.59
CA THR A 614 -22.41 20.22 25.01
C THR A 614 -22.41 18.77 24.59
N LYS A 615 -21.23 18.15 24.49
CA LYS A 615 -21.18 16.71 24.24
C LYS A 615 -20.02 16.10 24.98
N TYR A 616 -20.11 14.79 25.14
CA TYR A 616 -19.16 14.04 25.98
C TYR A 616 -18.83 12.76 25.29
N ARG A 617 -17.74 12.08 25.69
CA ARG A 617 -17.33 10.84 25.05
C ARG A 617 -17.63 9.71 26.01
N ILE A 618 -18.31 8.70 25.53
CA ILE A 618 -18.49 7.47 26.30
C ILE A 618 -17.71 6.34 25.66
N ILE A 619 -17.01 5.62 26.51
CA ILE A 619 -16.06 4.63 26.10
C ILE A 619 -16.39 3.34 26.80
N PHE A 620 -16.34 2.24 26.06
CA PHE A 620 -16.57 0.90 26.66
C PHE A 620 -15.96 -0.19 25.82
N LYS A 621 -15.78 -1.36 26.41
CA LYS A 621 -15.19 -2.49 25.66
C LYS A 621 -16.29 -3.24 24.94
N ALA A 622 -16.18 -3.24 23.60
CA ALA A 622 -17.13 -4.05 22.83
C ALA A 622 -16.49 -5.40 22.57
N ARG A 623 -17.32 -6.45 22.63
CA ARG A 623 -16.85 -7.80 22.32
C ARG A 623 -17.68 -8.29 21.15
N VAL A 624 -16.98 -8.69 20.07
CA VAL A 624 -17.66 -8.93 18.80
C VAL A 624 -17.23 -10.27 18.19
N PRO A 625 -18.24 -11.02 17.67
CA PRO A 625 -17.91 -12.36 17.11
C PRO A 625 -16.99 -12.27 15.90
N PRO A 626 -16.39 -13.39 15.52
CA PRO A 626 -15.52 -13.47 14.31
C PRO A 626 -16.37 -13.08 13.13
N MET A 627 -15.86 -12.16 12.30
CA MET A 627 -16.58 -11.72 11.14
C MET A 627 -18.06 -11.44 11.42
N GLY A 628 -18.27 -10.75 12.55
CA GLY A 628 -19.61 -10.66 13.10
C GLY A 628 -19.98 -9.29 13.62
N LEU A 629 -21.15 -9.27 14.28
CA LEU A 629 -21.70 -7.99 14.73
C LEU A 629 -22.19 -8.14 16.18
N ALA A 630 -22.09 -7.06 16.92
CA ALA A 630 -22.65 -7.06 18.31
C ALA A 630 -23.38 -5.76 18.60
N THR A 631 -24.56 -5.85 19.20
CA THR A 631 -25.38 -4.66 19.48
C THR A 631 -25.28 -4.29 20.97
N TYR A 632 -25.07 -3.01 21.18
CA TYR A 632 -25.12 -2.45 22.55
C TYR A 632 -26.12 -1.31 22.63
N VAL A 633 -26.48 -0.95 23.86
CA VAL A 633 -27.46 0.08 24.02
C VAL A 633 -26.92 1.16 24.97
N LEU A 634 -27.04 2.43 24.60
CA LEU A 634 -26.66 3.55 25.50
C LEU A 634 -27.96 4.11 26.05
N THR A 635 -28.01 4.30 27.39
CA THR A 635 -29.22 4.79 28.05
C THR A 635 -28.87 5.96 28.98
N ILE A 636 -29.67 7.02 28.91
CA ILE A 636 -29.43 8.19 29.74
C ILE A 636 -29.98 7.92 31.16
N SER A 637 -29.43 8.62 32.15
CA SER A 637 -29.97 8.62 33.52
C SER A 637 -29.87 10.05 34.08
N ASP A 638 -30.50 10.38 35.21
CA ASP A 638 -30.46 11.78 35.66
C ASP A 638 -29.21 12.11 36.50
N SER A 639 -28.51 11.04 36.91
CA SER A 639 -27.38 11.10 37.80
C SER A 639 -26.34 10.06 37.34
N LYS A 640 -25.21 10.00 38.06
CA LYS A 640 -24.12 9.08 37.72
C LYS A 640 -24.57 7.62 37.76
N PRO A 641 -24.47 6.94 36.62
CA PRO A 641 -24.84 5.54 36.57
C PRO A 641 -23.93 4.64 37.41
N GLU A 642 -24.45 3.48 37.85
CA GLU A 642 -23.67 2.54 38.63
C GLU A 642 -22.41 2.03 37.96
N HIS A 643 -22.48 1.84 36.64
CA HIS A 643 -21.34 1.20 35.95
C HIS A 643 -20.57 2.10 34.99
N THR A 644 -20.70 3.40 35.19
CA THR A 644 -19.99 4.40 34.36
C THR A 644 -19.13 5.25 35.27
N SER A 645 -17.84 5.28 34.98
CA SER A 645 -16.88 6.13 35.72
C SER A 645 -16.53 7.36 34.90
N TYR A 646 -15.88 8.34 35.55
CA TYR A 646 -15.57 9.62 34.91
C TYR A 646 -14.07 9.85 34.99
N ALA A 647 -13.47 10.27 33.88
CA ALA A 647 -12.04 10.57 33.90
C ALA A 647 -11.71 11.86 34.66
N SER A 648 -10.56 11.88 35.29
CA SER A 648 -10.03 13.14 35.80
C SER A 648 -9.26 13.80 34.67
N ASN A 649 -9.09 15.11 34.74
CA ASN A 649 -8.38 15.83 33.72
C ASN A 649 -7.47 16.81 34.39
N LEU A 650 -6.24 16.89 33.89
CA LEU A 650 -5.24 17.75 34.50
C LEU A 650 -4.57 18.53 33.38
N LEU A 651 -4.57 19.84 33.53
CA LEU A 651 -4.01 20.70 32.51
C LEU A 651 -2.73 21.28 33.10
N LEU A 652 -1.59 20.87 32.54
CA LEU A 652 -0.26 21.31 33.01
C LEU A 652 0.27 22.39 32.12
N ARG A 653 0.44 23.57 32.68
CA ARG A 653 0.89 24.72 31.94
C ARG A 653 1.10 25.83 32.95
N LYS A 654 2.05 26.69 32.64
CA LYS A 654 2.15 27.92 33.36
C LYS A 654 0.98 28.78 32.88
N ASN A 655 0.52 29.63 33.77
CA ASN A 655 -0.54 30.60 33.44
C ASN A 655 -1.88 29.95 33.00
N PRO A 656 -2.38 29.00 33.81
CA PRO A 656 -3.62 28.32 33.43
C PRO A 656 -4.83 29.22 33.56
N THR A 657 -5.83 28.94 32.74
CA THR A 657 -7.15 29.55 32.86
C THR A 657 -8.13 28.39 32.91
N SER A 658 -9.32 28.65 33.43
CA SER A 658 -10.29 27.57 33.63
C SER A 658 -10.71 26.91 32.31
N LEU A 659 -11.23 25.70 32.48
CA LEU A 659 -11.71 24.86 31.38
C LEU A 659 -13.06 24.28 31.74
N PRO A 660 -14.15 25.07 31.53
CA PRO A 660 -15.48 24.53 31.93
C PRO A 660 -15.98 23.46 30.97
N LEU A 661 -16.79 22.56 31.48
CA LEU A 661 -17.14 21.37 30.71
C LEU A 661 -18.62 21.04 30.80
N GLY A 662 -19.47 22.06 30.85
CA GLY A 662 -20.91 21.81 30.83
C GLY A 662 -21.34 20.98 32.00
N GLN A 663 -21.99 19.85 31.72
CA GLN A 663 -22.46 18.95 32.76
C GLN A 663 -21.45 17.96 33.34
N TYR A 664 -20.25 17.93 32.77
CA TYR A 664 -19.25 16.97 33.20
C TYR A 664 -19.02 17.04 34.71
N PRO A 665 -19.14 15.90 35.42
CA PRO A 665 -19.17 16.01 36.89
C PRO A 665 -17.87 16.32 37.62
N GLU A 666 -16.73 16.25 36.93
CA GLU A 666 -15.40 16.39 37.57
C GLU A 666 -14.74 17.66 37.06
N ASP A 667 -14.31 18.54 37.97
CA ASP A 667 -13.68 19.78 37.55
C ASP A 667 -12.25 19.47 37.09
N VAL A 668 -11.85 20.17 36.04
CA VAL A 668 -10.48 20.04 35.55
C VAL A 668 -9.52 20.59 36.63
N LYS A 669 -8.39 19.92 36.79
CA LYS A 669 -7.33 20.34 37.70
C LYS A 669 -6.20 20.98 36.90
N PHE A 670 -5.41 21.81 37.58
CA PHE A 670 -4.34 22.54 36.95
C PHE A 670 -3.06 22.37 37.76
N GLY A 671 -1.94 22.45 37.05
CA GLY A 671 -0.62 22.30 37.65
C GLY A 671 0.46 22.96 36.79
N ASP A 672 1.61 23.31 37.36
CA ASP A 672 2.73 23.73 36.53
C ASP A 672 3.26 22.48 35.81
N PRO A 673 3.89 22.66 34.64
CA PRO A 673 4.52 21.50 33.98
C PRO A 673 5.37 20.66 34.94
N ARG A 674 5.13 19.36 34.89
CA ARG A 674 5.93 18.42 35.63
C ARG A 674 5.93 17.07 34.99
N GLU A 675 6.94 16.28 35.33
CA GLU A 675 6.94 14.87 34.97
C GLU A 675 5.74 14.18 35.56
N ILE A 676 5.12 13.29 34.80
CA ILE A 676 3.99 12.50 35.27
C ILE A 676 4.10 11.05 34.81
N SER A 677 3.48 10.14 35.56
CA SER A 677 3.38 8.72 35.24
C SER A 677 1.92 8.29 35.25
N LEU A 678 1.60 7.36 34.34
CA LEU A 678 0.26 6.78 34.24
C LEU A 678 0.30 5.30 34.06
N ARG A 679 -0.73 4.64 34.56
CA ARG A 679 -0.91 3.20 34.35
C ARG A 679 -2.38 2.90 34.24
N VAL A 680 -2.76 2.27 33.13
CA VAL A 680 -4.12 1.76 33.00
C VAL A 680 -4.14 0.27 33.17
N GLY A 681 -5.04 -0.18 34.03
CA GLY A 681 -5.24 -1.61 34.30
C GLY A 681 -3.98 -2.24 34.87
N ASN A 682 -3.77 -3.48 34.45
CA ASN A 682 -2.63 -4.31 34.79
C ASN A 682 -1.40 -3.99 33.95
N GLY A 683 -1.50 -2.96 33.10
CA GLY A 683 -0.64 -2.83 31.94
C GLY A 683 0.61 -2.03 32.21
N PRO A 684 1.26 -1.51 31.16
CA PRO A 684 2.53 -0.82 31.41
C PRO A 684 2.31 0.52 32.13
N THR A 685 3.36 0.96 32.81
CA THR A 685 3.38 2.27 33.40
C THR A 685 4.22 3.16 32.48
N LEU A 686 3.65 4.25 32.01
CA LEU A 686 4.34 5.19 31.15
C LEU A 686 4.69 6.46 31.91
N ALA A 687 5.93 6.90 31.75
CA ALA A 687 6.34 8.22 32.27
C ALA A 687 6.54 9.23 31.17
N PHE A 688 6.23 10.51 31.47
CA PHE A 688 6.25 11.59 30.50
C PHE A 688 7.09 12.71 31.02
N SER A 689 7.78 13.39 30.13
CA SER A 689 8.57 14.57 30.44
C SER A 689 7.63 15.72 30.80
N GLU A 690 8.21 16.81 31.27
CA GLU A 690 7.40 18.00 31.53
C GLU A 690 6.88 18.65 30.24
N GLN A 691 7.41 18.26 29.05
CA GLN A 691 6.81 18.67 27.78
C GLN A 691 5.76 17.70 27.20
N GLY A 692 5.39 16.72 28.02
CA GLY A 692 4.27 15.79 27.76
C GLY A 692 4.62 14.74 26.72
N LEU A 693 5.92 14.46 26.59
CA LEU A 693 6.36 13.45 25.64
C LEU A 693 6.85 12.24 26.42
N LEU A 694 6.57 11.06 25.91
CA LEU A 694 6.96 9.85 26.58
C LEU A 694 8.46 9.89 26.85
N LYS A 695 8.87 9.41 28.01
CA LYS A 695 10.26 9.25 28.37
C LYS A 695 10.61 7.81 28.73
N SER A 696 9.65 7.05 29.25
CA SER A 696 9.91 5.67 29.67
C SER A 696 8.68 4.76 29.84
N ILE A 697 8.93 3.45 29.80
CA ILE A 697 7.90 2.43 29.84
C ILE A 697 8.39 1.36 30.80
N GLN A 698 7.60 1.12 31.83
CA GLN A 698 7.86 -0.01 32.71
C GLN A 698 6.79 -1.06 32.45
N LEU A 699 7.21 -2.22 31.94
CA LEU A 699 6.27 -3.25 31.55
C LEU A 699 5.45 -3.88 32.69
N THR A 700 6.10 -4.15 33.82
CA THR A 700 5.38 -4.70 34.98
C THR A 700 5.94 -4.12 36.25
N GLN A 701 5.22 -4.32 37.34
CA GLN A 701 5.64 -3.75 38.62
C GLN A 701 7.08 -4.12 38.98
N ASP A 702 7.54 -5.27 38.51
CA ASP A 702 8.86 -5.76 38.88
C ASP A 702 9.99 -5.28 37.95
N SER A 703 9.61 -4.81 36.78
CA SER A 703 10.53 -4.54 35.69
C SER A 703 11.11 -3.12 35.76
N PRO A 704 12.18 -2.84 35.01
CA PRO A 704 12.78 -1.50 35.02
C PRO A 704 11.96 -0.50 34.22
N HIS A 705 12.13 0.80 34.52
CA HIS A 705 11.59 1.84 33.64
C HIS A 705 12.53 1.98 32.45
N VAL A 706 12.17 1.40 31.31
CA VAL A 706 12.98 1.42 30.09
C VAL A 706 12.88 2.76 29.36
N PRO A 707 14.00 3.45 29.13
CA PRO A 707 14.00 4.72 28.39
C PRO A 707 13.46 4.63 26.95
N VAL A 708 12.37 5.34 26.67
CA VAL A 708 11.79 5.40 25.34
C VAL A 708 11.30 6.83 25.25
N HIS A 709 12.00 7.62 24.46
CA HIS A 709 11.75 9.05 24.41
C HIS A 709 11.29 9.46 23.02
N PHE A 710 10.12 10.09 22.95
CA PHE A 710 9.67 10.76 21.74
C PHE A 710 10.27 12.14 21.59
N LYS A 711 10.63 12.47 20.36
CA LYS A 711 11.15 13.77 20.02
C LYS A 711 10.72 14.13 18.63
N PHE A 712 10.36 15.39 18.44
CA PHE A 712 10.06 15.93 17.12
C PHE A 712 11.21 16.77 16.58
N LEU A 713 11.58 16.53 15.33
CA LEU A 713 12.66 17.29 14.67
C LEU A 713 12.23 17.71 13.25
N LYS A 714 13.01 18.59 12.66
CA LYS A 714 12.75 19.04 11.31
C LYS A 714 13.97 18.86 10.42
N TYR A 715 13.72 18.36 9.21
CA TYR A 715 14.69 18.46 8.15
C TYR A 715 14.39 19.68 7.26
N GLY A 716 15.45 20.24 6.65
CA GLY A 716 15.29 21.26 5.67
C GLY A 716 15.69 20.81 4.27
N VAL A 717 15.96 21.80 3.44
CA VAL A 717 16.25 21.58 2.01
C VAL A 717 17.54 22.31 1.67
N ARG A 718 18.21 21.83 0.64
CA ARG A 718 19.50 22.41 0.23
C ARG A 718 19.27 23.70 -0.54
N SER A 719 20.01 24.76 -0.21
CA SER A 719 19.86 26.04 -0.90
C SER A 719 20.50 26.06 -2.28
N HIS A 720 21.70 25.50 -2.36
CA HIS A 720 22.44 25.24 -3.60
C HIS A 720 22.47 23.73 -3.79
N GLY A 721 22.48 23.27 -5.03
CA GLY A 721 22.41 21.82 -5.23
C GLY A 721 20.96 21.36 -5.24
N ASP A 722 20.78 20.05 -5.31
CA ASP A 722 19.48 19.53 -5.71
C ASP A 722 18.44 19.68 -4.60
N ARG A 723 17.22 20.03 -5.03
CA ARG A 723 16.13 20.32 -4.09
C ARG A 723 15.24 19.11 -3.87
N SER A 724 14.85 18.94 -2.61
CA SER A 724 13.78 17.98 -2.29
C SER A 724 12.50 18.37 -3.00
N GLY A 725 11.69 17.38 -3.41
CA GLY A 725 10.38 17.66 -4.00
C GLY A 725 9.53 16.44 -3.66
N ALA A 726 8.44 16.27 -4.43
CA ALA A 726 7.49 15.20 -4.09
C ALA A 726 8.15 13.85 -4.10
N TYR A 727 9.12 13.71 -5.00
CA TYR A 727 9.81 12.41 -5.10
C TYR A 727 11.03 12.27 -4.22
N LEU A 728 11.89 13.30 -4.28
CA LEU A 728 13.21 13.20 -3.71
C LEU A 728 13.32 13.78 -2.30
N PHE A 729 14.10 13.11 -1.46
CA PHE A 729 14.41 13.56 -0.11
C PHE A 729 15.89 13.86 -0.12
N LEU A 730 16.20 15.15 -0.11
CA LEU A 730 17.60 15.69 -0.20
C LEU A 730 17.79 16.65 0.98
N PRO A 731 17.92 16.08 2.19
CA PRO A 731 18.00 16.96 3.41
C PRO A 731 19.29 17.78 3.39
N ASN A 732 19.24 18.98 3.95
CA ASN A 732 20.47 19.73 4.24
C ASN A 732 20.99 19.27 5.63
N GLY A 733 21.42 18.03 5.76
CA GLY A 733 21.98 17.52 6.99
C GLY A 733 20.97 16.86 7.89
N PRO A 734 21.44 16.29 8.99
CA PRO A 734 20.58 15.67 10.02
C PRO A 734 19.53 16.67 10.54
N ALA A 735 18.41 16.13 11.01
CA ALA A 735 17.31 16.96 11.46
C ALA A 735 17.69 17.69 12.75
N SER A 736 17.01 18.80 12.96
CA SER A 736 17.27 19.62 14.15
C SER A 736 16.02 19.57 14.99
N PRO A 737 16.17 19.61 16.34
CA PRO A 737 14.95 19.50 17.18
C PRO A 737 14.00 20.67 16.99
N VAL A 738 12.70 20.37 16.97
CA VAL A 738 11.69 21.40 17.00
C VAL A 738 11.78 22.05 18.38
N GLU A 739 11.90 23.37 18.40
CA GLU A 739 11.92 24.03 19.70
C GLU A 739 10.48 24.03 20.21
N LEU A 740 10.29 23.45 21.39
CA LEU A 740 8.92 23.24 21.93
C LEU A 740 8.33 24.37 22.74
N GLY A 741 9.17 25.31 23.19
CA GLY A 741 8.76 26.31 24.19
C GLY A 741 8.31 25.64 25.49
N GLN A 742 7.19 26.11 26.03
CA GLN A 742 6.60 25.54 27.23
C GLN A 742 5.21 25.07 26.83
N PRO A 743 5.12 23.87 26.19
CA PRO A 743 3.81 23.51 25.61
C PRO A 743 2.74 23.18 26.66
N VAL A 744 1.49 23.34 26.28
CA VAL A 744 0.37 22.96 27.13
C VAL A 744 0.19 21.44 27.07
N VAL A 745 0.11 20.82 28.23
CA VAL A 745 -0.03 19.35 28.34
C VAL A 745 -1.36 19.03 29.02
N LEU A 746 -2.13 18.14 28.40
CA LEU A 746 -3.39 17.75 28.92
C LEU A 746 -3.35 16.29 29.27
N VAL A 747 -3.66 15.99 30.51
CA VAL A 747 -3.63 14.63 31.02
C VAL A 747 -5.04 14.21 31.34
N THR A 748 -5.48 13.08 30.79
CA THR A 748 -6.78 12.53 31.13
C THR A 748 -6.55 11.14 31.75
N LYS A 749 -7.11 10.90 32.93
CA LYS A 749 -6.82 9.67 33.66
C LYS A 749 -8.16 9.02 33.88
N GLY A 750 -8.32 7.84 33.32
CA GLY A 750 -9.54 7.12 33.41
C GLY A 750 -9.26 5.66 33.73
N LYS A 751 -10.31 4.97 34.18
CA LYS A 751 -10.22 3.55 34.53
C LYS A 751 -9.96 2.72 33.30
N LEU A 752 -10.58 3.10 32.20
CA LEU A 752 -10.49 2.31 30.95
C LEU A 752 -9.49 2.92 29.98
N GLU A 753 -9.31 4.23 30.01
CA GLU A 753 -8.50 4.91 28.99
C GLU A 753 -7.91 6.16 29.62
N SER A 754 -6.62 6.34 29.47
CA SER A 754 -5.93 7.53 29.92
C SER A 754 -5.12 8.08 28.77
N SER A 755 -4.75 9.35 28.83
CA SER A 755 -3.99 9.90 27.72
C SER A 755 -3.21 11.11 28.15
N VAL A 756 -2.13 11.37 27.42
CA VAL A 756 -1.38 12.63 27.58
C VAL A 756 -1.30 13.25 26.22
N SER A 757 -1.73 14.50 26.07
CA SER A 757 -1.73 15.24 24.78
C SER A 757 -0.96 16.53 24.95
N VAL A 758 -0.21 16.92 23.94
CA VAL A 758 0.60 18.16 24.03
C VAL A 758 0.53 18.91 22.73
N GLY A 759 0.35 20.22 22.80
CA GLY A 759 0.27 21.05 21.65
C GLY A 759 1.66 21.53 21.34
N LEU A 760 2.30 20.89 20.36
CA LEU A 760 3.60 21.32 19.88
C LEU A 760 3.45 22.11 18.58
N PRO A 761 4.49 22.88 18.20
CA PRO A 761 4.48 23.49 16.89
C PRO A 761 4.32 22.44 15.78
N SER A 762 3.23 22.60 15.05
CA SER A 762 2.85 21.78 13.87
C SER A 762 2.24 20.43 14.24
N VAL A 763 2.22 20.07 15.53
CA VAL A 763 1.77 18.69 15.89
C VAL A 763 1.07 18.70 17.25
N VAL A 764 -0.18 18.23 17.28
CA VAL A 764 -0.77 17.89 18.57
C VAL A 764 -0.47 16.41 18.74
N HIS A 765 0.33 16.09 19.74
CA HIS A 765 0.83 14.74 19.95
C HIS A 765 0.12 14.11 21.10
N GLN A 766 -0.41 12.91 20.91
CA GLN A 766 -1.17 12.24 21.94
C GLN A 766 -0.72 10.81 22.18
N THR A 767 -0.55 10.44 23.44
CA THR A 767 -0.31 9.05 23.81
C THR A 767 -1.50 8.54 24.57
N ILE A 768 -2.08 7.41 24.13
CA ILE A 768 -3.30 6.88 24.72
C ILE A 768 -2.99 5.53 25.28
N MET A 769 -3.46 5.29 26.50
CA MET A 769 -3.25 4.00 27.19
C MET A 769 -4.59 3.35 27.50
N ARG A 770 -4.75 2.10 27.09
CA ARG A 770 -5.99 1.34 27.34
C ARG A 770 -5.67 0.03 28.01
N GLY A 771 -4.43 -0.08 28.46
CA GLY A 771 -4.04 -1.20 29.29
C GLY A 771 -3.07 -2.14 28.66
N GLY A 772 -2.79 -1.97 27.37
CA GLY A 772 -1.63 -2.65 26.74
C GLY A 772 -0.73 -1.63 26.03
N ALA A 773 -0.23 -2.00 24.82
CA ALA A 773 0.66 -1.11 24.08
C ALA A 773 -0.06 0.24 23.85
N PRO A 774 0.62 1.35 24.10
CA PRO A 774 -0.06 2.62 23.87
C PRO A 774 -0.38 2.86 22.38
N GLU A 775 -1.35 3.75 22.15
CA GLU A 775 -1.65 4.28 20.84
C GLU A 775 -1.09 5.68 20.80
N ILE A 776 -0.47 6.01 19.68
CA ILE A 776 0.02 7.37 19.47
C ILE A 776 -0.85 8.01 18.37
N ARG A 777 -1.30 9.25 18.59
CA ARG A 777 -2.00 10.02 17.51
C ARG A 777 -1.30 11.34 17.38
N ASN A 778 -0.97 11.66 16.14
CA ASN A 778 -0.41 12.98 15.82
C ASN A 778 -1.35 13.72 14.88
N LEU A 779 -1.84 14.89 15.29
CA LEU A 779 -2.58 15.77 14.38
C LEU A 779 -1.55 16.71 13.85
N VAL A 780 -1.15 16.48 12.61
CA VAL A 780 -0.03 17.17 12.03
C VAL A 780 -0.50 18.26 11.06
N ASP A 781 -0.10 19.51 11.35
CA ASP A 781 -0.46 20.63 10.49
C ASP A 781 0.79 21.46 10.29
N ILE A 782 1.44 21.19 9.17
CA ILE A 782 2.74 21.82 8.85
C ILE A 782 2.53 23.28 8.47
N GLY A 783 1.28 23.70 8.27
CA GLY A 783 0.95 25.13 8.05
C GLY A 783 1.76 25.71 6.91
N SER A 784 2.44 26.83 7.16
CA SER A 784 3.10 27.53 6.06
C SER A 784 4.61 27.36 6.19
N LEU A 785 5.03 26.27 6.86
CA LEU A 785 6.45 25.99 7.02
C LEU A 785 7.08 25.44 5.73
N ASP A 786 7.30 26.33 4.76
CA ASP A 786 7.94 25.92 3.51
C ASP A 786 9.32 25.27 3.72
N ASN A 787 9.61 24.30 2.86
CA ASN A 787 10.90 23.61 2.86
C ASN A 787 11.25 23.01 4.19
N THR A 788 10.27 22.32 4.76
CA THR A 788 10.44 21.66 6.05
C THR A 788 9.84 20.29 5.92
N GLU A 789 10.48 19.35 6.60
CA GLU A 789 9.92 18.01 6.80
C GLU A 789 9.93 17.71 8.31
N ILE A 790 8.79 17.35 8.86
CA ILE A 790 8.68 17.08 10.30
C ILE A 790 8.81 15.59 10.49
N VAL A 791 9.71 15.19 11.37
CA VAL A 791 9.95 13.80 11.70
C VAL A 791 9.68 13.54 13.19
N MET A 792 9.08 12.40 13.48
CA MET A 792 8.93 11.90 14.86
C MET A 792 9.97 10.82 15.09
N ARG A 793 10.81 11.03 16.11
CA ARG A 793 11.84 10.07 16.48
C ARG A 793 11.61 9.46 17.86
N LEU A 794 12.03 8.21 18.00
CA LEU A 794 12.04 7.47 19.25
C LEU A 794 13.49 7.19 19.55
N GLU A 795 13.88 7.47 20.79
CA GLU A 795 15.28 7.24 21.21
C GLU A 795 15.22 6.29 22.37
N THR A 796 15.96 5.19 22.29
CA THR A 796 15.97 4.15 23.31
C THR A 796 17.39 3.68 23.58
N HIS A 797 17.49 2.78 24.56
CA HIS A 797 18.73 2.14 24.93
C HIS A 797 18.82 0.75 24.40
N ILE A 798 18.09 0.52 23.32
CA ILE A 798 18.21 -0.77 22.69
C ILE A 798 19.46 -0.75 21.82
N ASP A 799 20.33 -1.76 21.96
CA ASP A 799 21.60 -1.70 21.23
C ASP A 799 21.44 -2.45 19.91
N SER A 800 20.76 -1.74 19.03
CA SER A 800 20.44 -2.31 17.72
C SER A 800 21.57 -2.15 16.71
N GLY A 801 22.58 -1.33 17.03
CA GLY A 801 23.69 -1.12 16.11
C GLY A 801 23.24 -0.43 14.84
N ASP A 802 23.40 -1.13 13.72
CA ASP A 802 23.04 -0.60 12.42
C ASP A 802 21.82 -1.31 11.82
N ILE A 803 21.18 -2.16 12.60
CA ILE A 803 20.11 -3.01 12.07
C ILE A 803 18.76 -2.46 12.46
N PHE A 804 17.84 -2.52 11.50
CA PHE A 804 16.44 -2.26 11.84
C PHE A 804 15.57 -3.04 10.83
N TYR A 805 14.27 -3.02 11.05
CA TYR A 805 13.37 -3.83 10.25
C TYR A 805 12.21 -2.95 9.84
N THR A 806 11.85 -3.06 8.56
CA THR A 806 10.70 -2.32 8.06
C THR A 806 9.82 -3.29 7.32
N ASP A 807 8.52 -2.98 7.22
CA ASP A 807 7.72 -3.89 6.45
C ASP A 807 7.68 -3.58 4.96
N LEU A 808 7.27 -4.60 4.21
CA LEU A 808 7.01 -4.42 2.76
C LEU A 808 5.54 -4.69 2.53
N ASN A 809 4.82 -3.64 2.13
CA ASN A 809 3.38 -3.73 1.79
C ASN A 809 2.50 -4.35 2.82
N GLY A 810 2.87 -4.23 4.10
CA GLY A 810 2.03 -4.85 5.16
C GLY A 810 2.06 -6.37 5.18
N LEU A 811 3.00 -6.98 4.41
CA LEU A 811 3.04 -8.43 4.20
C LEU A 811 4.15 -9.12 4.97
N GLN A 812 5.31 -8.46 5.02
CA GLN A 812 6.51 -9.11 5.54
C GLN A 812 7.41 -8.03 6.10
N PHE A 813 8.29 -8.42 7.03
CA PHE A 813 9.28 -7.48 7.52
C PHE A 813 10.62 -7.89 7.00
N ILE A 814 11.38 -6.90 6.58
CA ILE A 814 12.67 -7.19 5.97
C ILE A 814 13.74 -6.52 6.80
N LYS A 815 14.87 -7.23 6.99
CA LYS A 815 16.03 -6.66 7.65
C LYS A 815 16.69 -5.55 6.81
N ARG A 816 16.92 -4.39 7.43
CA ARG A 816 17.63 -3.28 6.86
C ARG A 816 18.94 -3.10 7.63
N ARG A 817 19.93 -2.56 6.93
CA ARG A 817 21.20 -2.18 7.57
C ARG A 817 21.49 -0.75 7.14
N ARG A 818 21.64 0.11 8.12
CA ARG A 818 22.03 1.49 7.91
CA ARG A 818 22.03 1.49 7.90
C ARG A 818 23.45 1.38 7.40
N LEU A 819 23.73 2.03 6.29
CA LEU A 819 25.07 2.01 5.71
C LEU A 819 25.62 3.42 5.66
N ASP A 820 26.77 3.63 6.28
CA ASP A 820 27.29 4.98 6.25
C ASP A 820 27.99 5.31 4.93
N LYS A 821 28.12 4.33 4.06
CA LYS A 821 28.58 4.60 2.73
C LYS A 821 27.47 5.20 1.87
N LEU A 822 26.24 5.18 2.38
CA LEU A 822 25.09 5.78 1.69
C LEU A 822 24.64 7.03 2.48
N PRO A 823 24.11 8.01 1.76
CA PRO A 823 23.69 9.25 2.46
C PRO A 823 22.41 9.00 3.24
N LEU A 824 22.08 9.96 4.09
CA LEU A 824 20.95 9.79 5.01
C LEU A 824 19.67 9.39 4.26
N GLN A 825 19.40 10.05 3.13
CA GLN A 825 18.13 9.82 2.41
C GLN A 825 18.08 8.43 1.81
N ALA A 826 19.24 7.80 1.58
CA ALA A 826 19.25 6.39 1.12
C ALA A 826 18.92 5.37 2.19
N ASN A 827 19.12 5.76 3.46
CA ASN A 827 18.84 4.91 4.56
C ASN A 827 17.38 5.03 5.05
N TYR A 828 16.59 5.84 4.34
CA TYR A 828 15.12 5.91 4.51
C TYR A 828 14.47 4.85 3.70
N TYR A 829 13.47 4.20 4.28
CA TYR A 829 12.78 3.10 3.61
C TYR A 829 11.29 3.32 3.78
N PRO A 830 10.50 2.65 2.96
CA PRO A 830 9.06 2.75 3.17
C PRO A 830 8.70 2.09 4.50
N ILE A 831 7.76 2.70 5.24
CA ILE A 831 7.18 2.11 6.43
C ILE A 831 5.69 1.97 6.16
N PRO A 832 5.32 0.97 5.38
CA PRO A 832 3.89 0.86 5.02
C PRO A 832 3.01 0.42 6.13
N SER A 833 3.54 -0.28 7.13
CA SER A 833 2.74 -0.70 8.25
C SER A 833 3.49 -0.83 9.58
N GLY A 834 4.83 -0.81 9.50
CA GLY A 834 5.51 -0.93 10.77
C GLY A 834 7.01 -1.03 10.61
N MET A 835 7.67 -0.88 11.78
CA MET A 835 9.15 -0.93 11.79
C MET A 835 9.56 -1.32 13.19
N PHE A 836 10.72 -1.95 13.34
CA PHE A 836 11.19 -2.26 14.68
C PHE A 836 12.70 -2.27 14.79
N ILE A 837 13.18 -2.08 16.01
CA ILE A 837 14.61 -2.32 16.34
C ILE A 837 14.62 -3.27 17.50
N GLU A 838 15.74 -4.02 17.59
CA GLU A 838 15.86 -4.95 18.72
C GLU A 838 17.33 -5.21 19.01
N ASP A 839 17.51 -5.69 20.24
CA ASP A 839 18.79 -6.30 20.63
C ASP A 839 18.53 -7.67 21.22
N ALA A 840 19.52 -8.22 21.95
CA ALA A 840 19.30 -9.53 22.52
C ALA A 840 18.07 -9.64 23.43
N ASN A 841 17.74 -8.57 24.12
CA ASN A 841 16.69 -8.65 25.14
C ASN A 841 15.41 -7.87 24.88
N THR A 842 15.53 -6.79 24.10
CA THR A 842 14.42 -5.83 24.03
C THR A 842 14.14 -5.48 22.57
N ARG A 843 12.83 -5.39 22.26
CA ARG A 843 12.39 -4.89 20.94
C ARG A 843 11.44 -3.71 21.12
N LEU A 844 11.53 -2.74 20.20
CA LEU A 844 10.52 -1.64 20.19
C LEU A 844 9.97 -1.64 18.77
N THR A 845 8.67 -1.87 18.70
CA THR A 845 7.98 -1.93 17.39
C THR A 845 7.03 -0.75 17.32
N LEU A 846 7.08 -0.08 16.17
CA LEU A 846 6.14 1.02 15.89
C LEU A 846 5.26 0.63 14.74
N LEU A 847 3.96 0.45 15.01
CA LEU A 847 2.99 0.07 13.95
C LEU A 847 2.31 1.34 13.49
N THR A 848 2.04 1.42 12.19
CA THR A 848 1.45 2.65 11.58
C THR A 848 0.08 2.39 10.95
N GLY A 849 -0.76 3.40 11.04
CA GLY A 849 -2.05 3.38 10.32
C GLY A 849 -2.03 4.02 8.95
N GLN A 850 -0.81 4.33 8.48
CA GLN A 850 -0.63 5.00 7.19
C GLN A 850 0.80 4.78 6.77
N PRO A 851 1.02 4.65 5.46
CA PRO A 851 2.43 4.50 5.00
C PRO A 851 3.16 5.81 5.10
N LEU A 852 4.40 5.75 5.60
CA LEU A 852 5.28 6.92 5.73
C LEU A 852 6.70 6.45 5.50
N GLY A 853 7.62 7.38 5.41
CA GLY A 853 9.05 7.04 5.29
C GLY A 853 9.72 7.02 6.65
N GLY A 854 10.77 6.20 6.78
CA GLY A 854 11.41 6.15 8.11
C GLY A 854 12.72 5.43 8.06
N SER A 855 13.38 5.45 9.21
CA SER A 855 14.72 4.86 9.24
C SER A 855 15.10 4.61 10.70
N SER A 856 16.31 4.05 10.89
CA SER A 856 16.93 4.07 12.21
C SER A 856 18.31 4.65 11.94
N LEU A 857 18.53 5.92 12.29
CA LEU A 857 19.78 6.63 11.91
C LEU A 857 20.93 6.50 12.91
N ALA A 858 20.63 5.89 14.03
CA ALA A 858 21.60 5.54 15.09
C ALA A 858 21.10 4.38 15.92
N SER A 859 22.01 3.68 16.60
CA SER A 859 21.65 2.59 17.45
C SER A 859 20.60 3.07 18.45
N GLY A 860 19.53 2.29 18.58
CA GLY A 860 18.45 2.55 19.52
C GLY A 860 17.38 3.54 19.04
N GLU A 861 17.51 4.07 17.83
CA GLU A 861 16.55 5.04 17.33
C GLU A 861 15.62 4.49 16.25
N LEU A 862 14.39 5.00 16.25
CA LEU A 862 13.46 4.82 15.14
C LEU A 862 12.97 6.20 14.78
N GLU A 863 12.79 6.47 13.50
CA GLU A 863 12.16 7.73 13.13
C GLU A 863 11.22 7.57 11.93
N ILE A 864 10.19 8.40 11.91
CA ILE A 864 9.18 8.26 10.86
C ILE A 864 8.72 9.67 10.50
N MET A 865 8.75 9.95 9.22
CA MET A 865 8.41 11.28 8.72
C MET A 865 6.89 11.48 8.84
N GLN A 866 6.48 12.69 9.21
CA GLN A 866 5.08 12.99 9.45
C GLN A 866 4.43 13.74 8.28
N ASP A 867 5.14 14.76 7.79
CA ASP A 867 4.71 15.53 6.63
C ASP A 867 5.89 16.32 6.08
N ARG A 868 5.71 16.84 4.87
CA ARG A 868 6.77 17.56 4.20
C ARG A 868 6.14 18.62 3.34
N ARG A 869 6.69 19.81 3.40
CA ARG A 869 6.23 20.94 2.61
C ARG A 869 7.42 21.51 1.82
N LEU A 870 7.38 21.42 0.49
CA LEU A 870 8.56 21.68 -0.37
C LEU A 870 8.18 22.72 -1.39
N ALA A 871 8.92 23.83 -1.44
CA ALA A 871 8.45 24.84 -2.35
C ALA A 871 9.07 24.77 -3.76
N SER A 872 9.97 23.80 -3.96
CA SER A 872 10.61 23.64 -5.25
C SER A 872 10.25 22.31 -5.89
N ASP A 873 10.33 22.30 -7.21
CA ASP A 873 10.24 21.09 -8.03
C ASP A 873 11.55 20.31 -7.94
N ASP A 874 11.45 18.98 -8.02
CA ASP A 874 12.65 18.13 -7.91
C ASP A 874 13.03 17.50 -9.25
N GLU A 875 12.60 18.14 -10.31
CA GLU A 875 13.13 17.85 -11.65
C GLU A 875 12.80 16.45 -12.14
N ARG A 876 11.66 15.94 -11.70
CA ARG A 876 11.17 14.64 -12.23
C ARG A 876 9.88 14.74 -13.00
N GLY A 877 9.50 15.95 -13.45
CA GLY A 877 8.42 16.10 -14.41
C GLY A 877 7.13 16.64 -13.83
N LEU A 878 7.04 16.69 -12.51
CA LEU A 878 5.84 17.20 -11.81
C LEU A 878 5.65 18.69 -12.04
N GLY A 879 6.77 19.41 -12.06
CA GLY A 879 6.70 20.88 -12.27
C GLY A 879 5.99 21.66 -11.17
N GLN A 880 6.06 21.16 -9.94
CA GLN A 880 5.60 21.87 -8.75
C GLN A 880 6.24 21.21 -7.55
N GLY A 881 6.26 21.95 -6.44
CA GLY A 881 6.66 21.43 -5.15
C GLY A 881 5.43 20.81 -4.51
N VAL A 882 5.50 20.69 -3.20
CA VAL A 882 4.40 20.12 -2.44
C VAL A 882 3.98 21.19 -1.44
N LEU A 883 2.90 21.88 -1.80
CA LEU A 883 2.47 23.07 -1.02
C LEU A 883 0.98 23.01 -0.72
N ASP A 884 0.41 21.81 -0.82
CA ASP A 884 -1.05 21.62 -0.65
C ASP A 884 -1.33 20.77 0.59
N ASN A 885 -0.44 20.86 1.59
CA ASN A 885 -0.58 20.11 2.85
C ASN A 885 -1.90 20.48 3.54
N LYS A 886 -2.43 19.51 4.21
CA LYS A 886 -3.63 19.71 5.04
C LYS A 886 -3.50 18.89 6.31
N PRO A 887 -4.17 19.33 7.39
CA PRO A 887 -4.05 18.60 8.64
C PRO A 887 -4.42 17.14 8.45
N VAL A 888 -3.58 16.27 9.04
CA VAL A 888 -3.82 14.84 8.95
C VAL A 888 -3.63 14.23 10.33
N LEU A 889 -4.47 13.24 10.66
CA LEU A 889 -4.35 12.54 11.92
C LEU A 889 -3.65 11.19 11.64
N HIS A 890 -2.35 11.18 11.99
CA HIS A 890 -1.62 9.92 11.91
C HIS A 890 -1.81 9.12 13.15
N ILE A 891 -1.89 7.81 12.94
CA ILE A 891 -2.09 6.89 14.08
C ILE A 891 -1.04 5.82 14.13
N TYR A 892 -0.67 5.41 15.35
CA TYR A 892 0.36 4.40 15.58
C TYR A 892 0.06 3.54 16.83
N ARG A 893 0.75 2.41 16.95
CA ARG A 893 0.82 1.68 18.22
C ARG A 893 2.30 1.50 18.51
N LEU A 894 2.66 1.61 19.78
CA LEU A 894 4.05 1.49 20.18
C LEU A 894 4.16 0.33 21.15
N VAL A 895 4.90 -0.67 20.74
CA VAL A 895 5.00 -1.93 21.46
C VAL A 895 6.42 -2.17 21.94
N LEU A 896 6.61 -2.17 23.25
CA LEU A 896 7.95 -2.45 23.81
C LEU A 896 7.84 -3.84 24.41
N GLU A 897 8.77 -4.73 24.06
CA GLU A 897 8.69 -6.10 24.47
C GLU A 897 10.07 -6.65 24.87
N LYS A 898 10.02 -7.55 25.85
CA LYS A 898 11.12 -8.43 26.20
C LYS A 898 11.13 -9.57 25.18
N VAL A 899 12.28 -9.80 24.56
CA VAL A 899 12.37 -10.74 23.45
C VAL A 899 13.49 -11.79 23.55
N ASN A 900 14.13 -11.82 24.72
CA ASN A 900 15.23 -12.76 24.94
C ASN A 900 14.71 -14.20 24.90
N ASN A 901 13.42 -14.41 25.20
CA ASN A 901 12.82 -15.74 25.12
C ASN A 901 12.26 -16.09 23.76
N CYS A 902 12.24 -15.13 22.82
CA CYS A 902 11.69 -15.38 21.50
C CYS A 902 12.64 -16.15 20.59
N VAL A 903 12.07 -17.07 19.85
CA VAL A 903 12.82 -17.80 18.83
C VAL A 903 12.85 -16.94 17.55
N ARG A 904 13.98 -16.32 17.33
CA ARG A 904 14.19 -15.42 16.22
C ARG A 904 15.07 -16.03 15.15
N PRO A 905 15.02 -15.47 13.94
CA PRO A 905 15.95 -15.91 12.90
C PRO A 905 17.39 -15.65 13.32
N SER A 906 18.29 -16.41 12.72
CA SER A 906 19.70 -16.14 12.93
C SER A 906 20.21 -14.86 12.26
N LYS A 907 21.46 -14.56 12.53
CA LYS A 907 22.03 -13.27 12.19
C LYS A 907 22.00 -13.03 10.69
N LEU A 908 22.14 -14.11 9.93
CA LEU A 908 22.26 -13.99 8.49
C LEU A 908 20.89 -14.08 7.82
N HIS A 909 19.81 -14.28 8.58
CA HIS A 909 18.48 -14.36 7.92
C HIS A 909 17.99 -12.96 7.52
N PRO A 910 17.46 -12.79 6.32
CA PRO A 910 17.05 -11.46 5.85
C PRO A 910 15.66 -10.97 6.31
N ALA A 911 14.89 -11.83 6.99
CA ALA A 911 13.57 -11.42 7.49
C ALA A 911 13.49 -11.19 9.00
N GLY A 912 12.44 -10.51 9.42
CA GLY A 912 12.07 -10.41 10.80
C GLY A 912 10.59 -10.72 10.89
N TYR A 913 10.12 -11.00 12.09
CA TYR A 913 8.71 -11.35 12.30
C TYR A 913 8.19 -10.66 13.56
N LEU A 914 6.96 -10.20 13.47
CA LEU A 914 6.31 -9.64 14.67
C LEU A 914 5.98 -10.66 15.73
N THR A 915 5.82 -10.14 16.94
CA THR A 915 5.23 -10.90 18.01
C THR A 915 3.68 -10.83 17.88
N SER A 916 2.98 -11.70 18.59
CA SER A 916 1.53 -11.64 18.63
C SER A 916 1.00 -10.26 19.05
N ALA A 917 1.54 -9.68 20.11
CA ALA A 917 1.08 -8.34 20.52
C ALA A 917 1.25 -7.30 19.44
N ALA A 918 2.40 -7.29 18.74
CA ALA A 918 2.57 -6.30 17.69
C ALA A 918 1.65 -6.53 16.50
N HIS A 919 1.44 -7.81 16.17
CA HIS A 919 0.55 -8.10 15.06
C HIS A 919 -0.89 -7.66 15.39
N LYS A 920 -1.35 -7.95 16.61
CA LYS A 920 -2.69 -7.52 17.04
C LYS A 920 -2.71 -5.99 17.02
N ALA A 921 -1.62 -5.35 17.40
CA ALA A 921 -1.60 -3.85 17.43
C ALA A 921 -1.73 -3.32 16.00
N SER A 922 -1.02 -3.94 15.04
CA SER A 922 -1.17 -3.54 13.65
C SER A 922 -2.65 -3.71 13.19
N GLN A 923 -3.25 -4.85 13.50
CA GLN A 923 -4.68 -5.10 13.15
C GLN A 923 -5.61 -4.08 13.76
N SER A 924 -5.28 -3.59 14.94
CA SER A 924 -6.11 -2.57 15.63
C SER A 924 -6.13 -1.23 14.86
N LEU A 925 -5.05 -0.95 14.15
CA LEU A 925 -4.92 0.27 13.33
C LEU A 925 -5.59 0.07 11.99
N LEU A 926 -5.30 -1.07 11.34
CA LEU A 926 -5.70 -1.24 9.93
C LEU A 926 -7.10 -1.76 9.79
N ASP A 927 -7.53 -2.60 10.72
CA ASP A 927 -8.90 -3.12 10.64
C ASP A 927 -9.56 -3.08 12.02
N PRO A 928 -9.84 -1.88 12.50
CA PRO A 928 -10.52 -1.71 13.77
C PRO A 928 -11.98 -2.17 13.69
N LEU A 929 -12.64 -2.30 14.84
CA LEU A 929 -14.10 -2.52 14.78
C LEU A 929 -14.72 -1.31 14.05
N ASP A 930 -15.79 -1.62 13.31
CA ASP A 930 -16.60 -0.59 12.69
C ASP A 930 -17.75 -0.28 13.62
N LYS A 931 -18.14 0.99 13.70
CA LYS A 931 -19.19 1.40 14.62
C LYS A 931 -20.34 2.03 13.91
N PHE A 932 -21.55 1.63 14.27
CA PHE A 932 -22.77 2.08 13.59
C PHE A 932 -23.73 2.62 14.68
N ILE A 933 -24.36 3.76 14.36
CA ILE A 933 -25.33 4.31 15.26
C ILE A 933 -26.69 4.20 14.59
N PHE A 934 -27.68 3.59 15.25
CA PHE A 934 -28.99 3.45 14.64
C PHE A 934 -29.59 4.83 14.42
N ALA A 935 -30.10 5.10 13.22
CA ALA A 935 -30.35 6.49 12.84
C ALA A 935 -31.70 7.03 13.23
N GLU A 936 -32.63 6.14 13.59
CA GLU A 936 -33.99 6.58 13.99
C GLU A 936 -34.29 6.29 15.45
N ASN A 937 -35.49 6.65 15.92
CA ASN A 937 -35.75 6.44 17.33
C ASN A 937 -35.93 4.99 17.76
N GLU A 938 -36.59 4.18 16.95
CA GLU A 938 -36.87 2.81 17.33
C GLU A 938 -36.45 1.82 16.23
N TRP A 939 -35.75 0.77 16.64
CA TRP A 939 -35.39 -0.29 15.72
C TRP A 939 -36.22 -1.52 16.06
N ILE A 940 -37.22 -1.80 15.22
CA ILE A 940 -38.11 -2.94 15.44
C ILE A 940 -37.42 -4.20 15.01
N GLY A 941 -37.50 -5.24 15.84
CA GLY A 941 -36.93 -6.53 15.49
C GLY A 941 -35.41 -6.64 15.67
N ALA A 942 -34.83 -5.74 16.42
CA ALA A 942 -33.39 -5.77 16.62
C ALA A 942 -32.88 -7.04 17.30
N GLN A 943 -31.72 -7.52 16.84
CA GLN A 943 -31.04 -8.69 17.38
C GLN A 943 -29.68 -8.33 17.99
N GLY A 944 -29.19 -9.12 18.93
CA GLY A 944 -28.02 -8.73 19.71
C GLY A 944 -26.72 -9.09 19.05
N GLN A 945 -26.75 -10.03 18.09
CA GLN A 945 -25.45 -10.47 17.58
C GLN A 945 -25.67 -11.13 16.24
N PHE A 946 -24.58 -11.15 15.47
CA PHE A 946 -24.48 -11.96 14.25
C PHE A 946 -23.12 -12.59 14.26
N GLY A 947 -23.06 -13.87 13.91
CA GLY A 947 -21.78 -14.56 13.83
C GLY A 947 -21.22 -15.28 15.04
N GLY A 948 -22.08 -15.42 16.06
CA GLY A 948 -21.75 -16.08 17.29
C GLY A 948 -21.26 -17.49 17.07
N ASP A 949 -21.72 -18.09 15.97
CA ASP A 949 -21.40 -19.46 15.53
C ASP A 949 -20.22 -19.53 14.53
N HIS A 950 -19.65 -18.38 14.14
CA HIS A 950 -18.51 -18.42 13.23
C HIS A 950 -17.29 -18.95 14.01
N PRO A 951 -16.48 -19.81 13.38
CA PRO A 951 -15.28 -20.25 14.05
C PRO A 951 -14.30 -19.10 14.35
N SER A 952 -13.61 -19.22 15.46
CA SER A 952 -12.65 -18.21 15.89
C SER A 952 -11.24 -18.73 15.58
N ALA A 953 -10.70 -18.30 14.45
CA ALA A 953 -9.48 -18.88 13.92
C ALA A 953 -8.20 -18.44 14.66
N ARG A 954 -7.12 -19.22 14.52
CA ARG A 954 -5.87 -18.89 15.16
C ARG A 954 -5.44 -17.46 14.80
N GLU A 955 -4.79 -16.81 15.73
CA GLU A 955 -4.53 -15.35 15.64
C GLU A 955 -3.70 -14.94 14.44
N ASP A 956 -2.88 -15.86 13.91
CA ASP A 956 -2.04 -15.55 12.75
C ASP A 956 -2.80 -15.62 11.44
N LEU A 957 -4.02 -16.14 11.46
CA LEU A 957 -4.78 -16.33 10.23
C LEU A 957 -5.77 -15.18 9.99
N ASP A 958 -5.83 -14.66 8.77
CA ASP A 958 -6.86 -13.67 8.46
C ASP A 958 -7.64 -14.06 7.22
N VAL A 959 -8.90 -13.67 7.18
CA VAL A 959 -9.68 -13.73 5.94
C VAL A 959 -9.55 -12.33 5.33
N SER A 960 -8.58 -12.20 4.45
CA SER A 960 -8.18 -10.89 3.90
C SER A 960 -9.27 -10.33 2.99
N VAL A 961 -9.93 -11.26 2.29
CA VAL A 961 -11.03 -10.93 1.36
C VAL A 961 -12.14 -11.95 1.53
N MET A 962 -13.35 -11.44 1.60
CA MET A 962 -14.58 -12.25 1.43
C MET A 962 -15.42 -11.44 0.47
N ARG A 963 -15.74 -12.05 -0.69
CA ARG A 963 -16.41 -11.33 -1.74
C ARG A 963 -17.38 -12.25 -2.48
N ARG A 964 -18.65 -11.86 -2.48
CA ARG A 964 -19.59 -12.63 -3.32
C ARG A 964 -19.28 -12.32 -4.79
N LEU A 965 -19.16 -13.39 -5.59
CA LEU A 965 -18.68 -13.25 -6.99
C LEU A 965 -19.80 -13.27 -8.04
N THR A 966 -20.98 -13.66 -7.58
CA THR A 966 -22.14 -13.82 -8.46
C THR A 966 -23.24 -12.82 -8.11
N LYS A 967 -24.01 -12.41 -9.14
CA LYS A 967 -25.22 -11.60 -8.92
C LYS A 967 -26.37 -12.49 -8.55
N SER A 968 -27.47 -11.89 -8.09
CA SER A 968 -28.50 -12.69 -7.40
C SER A 968 -29.24 -13.64 -8.34
N SER A 969 -29.19 -13.38 -9.64
CA SER A 969 -29.84 -14.29 -10.60
C SER A 969 -29.12 -15.63 -10.85
N ALA A 970 -27.85 -15.76 -10.45
CA ALA A 970 -27.12 -17.00 -10.70
C ALA A 970 -27.68 -18.15 -9.89
N LYS A 971 -28.01 -19.24 -10.58
CA LYS A 971 -28.38 -20.45 -9.89
C LYS A 971 -27.32 -20.93 -8.89
N THR A 972 -26.06 -20.87 -9.32
CA THR A 972 -24.96 -21.31 -8.51
C THR A 972 -24.26 -20.05 -8.00
N GLN A 973 -24.42 -19.79 -6.71
CA GLN A 973 -23.81 -18.60 -6.09
C GLN A 973 -22.38 -18.95 -5.76
N ARG A 974 -21.50 -17.94 -5.87
CA ARG A 974 -20.07 -18.23 -5.64
C ARG A 974 -19.55 -17.14 -4.72
N VAL A 975 -18.78 -17.58 -3.73
CA VAL A 975 -18.14 -16.59 -2.79
C VAL A 975 -16.66 -16.89 -2.79
N GLY A 976 -15.85 -15.83 -2.93
CA GLY A 976 -14.40 -16.00 -2.90
C GLY A 976 -13.80 -15.54 -1.58
N TYR A 977 -12.78 -16.26 -1.12
CA TYR A 977 -12.12 -15.90 0.09
C TYR A 977 -10.63 -15.88 -0.17
N VAL A 978 -9.93 -14.89 0.38
CA VAL A 978 -8.45 -14.93 0.39
C VAL A 978 -8.03 -15.08 1.84
N LEU A 979 -7.24 -16.10 2.14
CA LEU A 979 -6.81 -16.44 3.51
C LEU A 979 -5.32 -16.17 3.57
N HIS A 980 -4.89 -15.41 4.56
CA HIS A 980 -3.49 -15.11 4.73
C HIS A 980 -3.09 -15.57 6.10
N ARG A 981 -1.96 -16.30 6.17
CA ARG A 981 -1.44 -16.64 7.51
C ARG A 981 -0.10 -15.96 7.63
N THR A 982 0.05 -15.11 8.64
CA THR A 982 1.35 -14.48 8.87
C THR A 982 2.24 -15.44 9.62
N ASN A 983 3.42 -15.02 10.01
CA ASN A 983 4.23 -15.84 10.88
C ASN A 983 4.59 -14.96 12.07
N LEU A 984 4.22 -15.44 13.26
CA LEU A 984 4.48 -14.69 14.51
C LEU A 984 5.58 -15.36 15.30
N MET A 985 6.37 -14.57 16.01
CA MET A 985 7.44 -15.16 16.83
C MET A 985 6.90 -16.02 17.96
N GLN A 986 7.56 -17.16 18.18
CA GLN A 986 7.30 -17.98 19.37
C GLN A 986 8.10 -17.42 20.53
N CYS A 987 7.43 -17.03 21.63
CA CYS A 987 8.10 -16.44 22.81
C CYS A 987 7.66 -17.04 24.13
N GLY A 988 7.07 -18.22 24.03
CA GLY A 988 6.73 -18.99 25.23
C GLY A 988 5.30 -18.89 25.73
N THR A 989 4.49 -18.03 25.11
CA THR A 989 3.06 -18.02 25.44
C THR A 989 2.47 -19.34 24.91
N PRO A 990 1.90 -20.17 25.81
CA PRO A 990 1.37 -21.47 25.38
C PRO A 990 0.21 -21.27 24.44
N GLU A 991 0.19 -22.07 23.38
CA GLU A 991 -0.84 -21.98 22.38
C GLU A 991 -2.12 -22.64 22.90
N GLU A 992 -3.18 -21.84 22.93
CA GLU A 992 -4.53 -22.31 23.20
C GLU A 992 -5.05 -23.12 22.01
N HIS A 993 -6.01 -24.00 22.26
CA HIS A 993 -6.78 -24.61 21.18
C HIS A 993 -7.52 -23.46 20.49
N THR A 994 -7.58 -23.52 19.16
CA THR A 994 -8.45 -22.63 18.38
C THR A 994 -9.24 -23.47 17.38
N GLN A 995 -10.35 -22.95 16.87
CA GLN A 995 -11.15 -23.72 15.93
C GLN A 995 -10.57 -23.59 14.55
N LYS A 996 -10.69 -24.66 13.78
CA LYS A 996 -10.38 -24.65 12.38
C LYS A 996 -11.40 -23.78 11.67
N LEU A 997 -10.88 -22.94 10.79
CA LEU A 997 -11.73 -22.17 9.93
C LEU A 997 -11.70 -22.84 8.57
N ASP A 998 -12.89 -23.29 8.15
CA ASP A 998 -13.17 -23.77 6.81
C ASP A 998 -14.11 -22.77 6.13
N VAL A 999 -13.54 -21.88 5.31
CA VAL A 999 -14.35 -20.86 4.66
C VAL A 999 -15.43 -21.41 3.76
N CYS A 1000 -15.21 -22.59 3.22
CA CYS A 1000 -16.19 -23.12 2.30
C CYS A 1000 -17.51 -23.49 2.96
N HIS A 1001 -17.48 -23.66 4.27
CA HIS A 1001 -18.71 -23.92 5.02
C HIS A 1001 -19.22 -22.73 5.84
N LEU A 1002 -18.79 -21.50 5.50
CA LEU A 1002 -19.37 -20.34 6.17
C LEU A 1002 -20.77 -19.99 5.68
N LEU A 1003 -21.10 -20.38 4.45
CA LEU A 1003 -22.42 -20.12 3.87
C LEU A 1003 -23.12 -21.47 3.63
N PRO A 1004 -24.44 -21.46 3.75
CA PRO A 1004 -25.20 -22.71 3.63
C PRO A 1004 -25.20 -23.31 2.21
N ASN A 1005 -25.59 -24.58 2.11
CA ASN A 1005 -25.82 -25.23 0.81
C ASN A 1005 -24.59 -25.30 -0.08
N VAL A 1006 -23.43 -25.56 0.52
CA VAL A 1006 -22.21 -25.64 -0.32
C VAL A 1006 -22.34 -26.86 -1.22
N ALA A 1007 -21.99 -26.68 -2.50
CA ALA A 1007 -22.02 -27.72 -3.50
C ALA A 1007 -20.59 -28.04 -3.99
N ARG A 1008 -19.66 -27.10 -3.83
CA ARG A 1008 -18.30 -27.33 -4.25
C ARG A 1008 -17.37 -26.37 -3.55
N CYS A 1009 -16.10 -26.74 -3.41
CA CYS A 1009 -15.13 -25.82 -2.79
C CYS A 1009 -13.89 -25.99 -3.65
N GLU A 1010 -13.31 -24.90 -4.13
CA GLU A 1010 -12.14 -25.04 -4.96
C GLU A 1010 -11.06 -24.08 -4.47
N ARG A 1011 -9.83 -24.51 -4.54
CA ARG A 1011 -8.74 -23.56 -4.40
C ARG A 1011 -8.49 -22.91 -5.73
N THR A 1012 -8.23 -21.59 -5.69
CA THR A 1012 -8.11 -20.83 -6.92
C THR A 1012 -6.88 -19.94 -6.82
N THR A 1013 -6.55 -19.37 -7.96
CA THR A 1013 -5.57 -18.27 -7.96
C THR A 1013 -6.15 -17.13 -7.10
N LEU A 1014 -5.30 -16.21 -6.69
CA LEU A 1014 -5.76 -15.22 -5.70
C LEU A 1014 -6.74 -14.24 -6.29
N THR A 1015 -6.83 -14.20 -7.62
CA THR A 1015 -7.80 -13.33 -8.31
C THR A 1015 -9.15 -14.02 -8.51
N PHE A 1016 -9.20 -15.28 -8.09
CA PHE A 1016 -10.41 -16.12 -8.22
C PHE A 1016 -10.70 -16.59 -9.62
N LEU A 1017 -9.75 -16.42 -10.52
CA LEU A 1017 -10.07 -16.59 -11.96
C LEU A 1017 -9.74 -17.98 -12.49
N GLN A 1018 -8.97 -18.78 -11.75
CA GLN A 1018 -8.60 -20.12 -12.19
C GLN A 1018 -8.70 -21.10 -11.06
N ASN A 1019 -9.34 -22.24 -11.34
CA ASN A 1019 -9.44 -23.27 -10.33
C ASN A 1019 -8.18 -24.09 -10.36
N LEU A 1020 -7.61 -24.27 -9.19
CA LEU A 1020 -6.36 -25.01 -9.05
C LEU A 1020 -6.53 -26.40 -8.47
N GLU A 1021 -7.54 -26.60 -7.63
CA GLU A 1021 -7.77 -27.85 -6.90
C GLU A 1021 -9.26 -27.94 -6.52
N HIS A 1022 -9.89 -29.06 -6.86
CA HIS A 1022 -11.22 -29.37 -6.38
C HIS A 1022 -11.06 -30.00 -5.00
N LEU A 1023 -11.73 -29.46 -3.99
CA LEU A 1023 -11.38 -29.86 -2.64
C LEU A 1023 -12.24 -30.96 -2.05
N ASP A 1024 -11.58 -32.00 -1.54
CA ASP A 1024 -12.26 -33.12 -0.89
C ASP A 1024 -13.12 -32.68 0.29
N GLY A 1025 -14.38 -33.14 0.28
CA GLY A 1025 -15.32 -32.88 1.36
C GLY A 1025 -15.77 -31.43 1.42
N MET A 1026 -15.48 -30.71 0.34
CA MET A 1026 -15.80 -29.28 0.22
C MET A 1026 -15.22 -28.48 1.39
N VAL A 1027 -14.07 -28.94 1.90
CA VAL A 1027 -13.37 -28.33 3.03
C VAL A 1027 -12.14 -27.59 2.50
N ALA A 1028 -12.07 -26.28 2.79
CA ALA A 1028 -10.89 -25.46 2.46
C ALA A 1028 -9.89 -25.59 3.58
N PRO A 1029 -8.71 -26.15 3.29
CA PRO A 1029 -7.60 -26.23 4.24
C PRO A 1029 -7.11 -24.85 4.65
N GLU A 1030 -6.65 -24.70 5.89
CA GLU A 1030 -5.93 -23.49 6.26
C GLU A 1030 -4.51 -23.57 5.67
N VAL A 1031 -3.86 -22.41 5.60
CA VAL A 1031 -2.62 -22.26 4.85
C VAL A 1031 -1.44 -22.19 5.79
N CYS A 1032 -0.23 -22.36 5.26
CA CYS A 1032 1.01 -22.33 6.06
C CYS A 1032 1.40 -20.91 6.45
N PRO A 1033 2.26 -20.77 7.49
CA PRO A 1033 2.83 -19.44 7.76
C PRO A 1033 3.47 -18.81 6.50
N MET A 1034 3.13 -17.54 6.31
CA MET A 1034 3.58 -16.68 5.22
C MET A 1034 2.94 -16.98 3.89
N GLU A 1035 1.96 -17.88 3.89
CA GLU A 1035 1.29 -18.24 2.66
C GLU A 1035 -0.05 -17.54 2.56
N THR A 1036 -0.48 -17.33 1.33
CA THR A 1036 -1.80 -16.78 1.06
C THR A 1036 -2.44 -17.71 0.05
N ALA A 1037 -3.70 -18.04 0.28
CA ALA A 1037 -4.45 -18.96 -0.58
C ALA A 1037 -5.82 -18.37 -0.82
N ALA A 1038 -6.40 -18.73 -1.94
CA ALA A 1038 -7.78 -18.30 -2.26
C ALA A 1038 -8.62 -19.53 -2.49
N TYR A 1039 -9.88 -19.38 -2.09
CA TYR A 1039 -10.87 -20.44 -2.21
C TYR A 1039 -12.14 -19.85 -2.71
N VAL A 1040 -12.84 -20.63 -3.53
CA VAL A 1040 -14.18 -20.23 -3.98
C VAL A 1040 -15.14 -21.33 -3.61
N SER A 1041 -16.21 -20.94 -2.90
CA SER A 1041 -17.26 -21.90 -2.53
C SER A 1041 -18.43 -21.64 -3.44
N SER A 1042 -19.05 -22.74 -3.90
CA SER A 1042 -20.19 -22.62 -4.79
C SER A 1042 -21.40 -23.18 -4.06
N HIS A 1043 -22.54 -22.51 -4.23
CA HIS A 1043 -23.73 -22.82 -3.41
C HIS A 1043 -24.96 -22.95 -4.27
N SER A 1044 -25.75 -23.97 -3.99
CA SER A 1044 -26.98 -24.05 -4.75
C SER A 1044 -27.97 -23.04 -4.19
N SER A 1045 -28.54 -22.26 -5.09
CA SER A 1045 -29.40 -21.17 -4.69
C SER A 1045 -30.68 -21.14 -5.53
ZN ZN B . 4.23 6.49 -14.70
C1 MRD C . 23.78 10.60 -16.25
C2 MRD C . 22.38 10.21 -16.72
O2 MRD C . 22.01 8.98 -16.09
CM MRD C . 21.41 11.30 -16.22
C3 MRD C . 22.45 10.09 -18.24
C4 MRD C . 21.18 9.59 -18.96
O4 MRD C . 21.52 9.07 -20.25
C5 MRD C . 20.17 10.73 -19.15
C1 GHR D . 6.92 10.02 -15.62
N5 GHR D . 7.62 10.81 -14.71
C5 GHR D . 7.51 10.64 -13.25
C6 GHR D . 8.87 10.29 -12.63
O6 GHR D . 9.82 11.21 -13.10
C4 GHR D . 6.41 9.66 -12.80
O4 GHR D . 5.82 10.21 -11.64
C3 GHR D . 5.37 9.40 -13.87
O3 GHR D . 4.48 8.42 -13.41
C2 GHR D . 6.09 8.87 -15.08
O2 GHR D . 5.18 8.38 -16.03
N1 GHR D . 6.96 10.26 -16.94
N1 GHR D . 6.95 10.20 -16.90
CL12 GHR D . 5.12 13.94 -22.79
CL12 GHR D . 14.05 15.76 -17.08
C12 GHR D . 5.95 13.83 -21.27
C12 GHR D . 12.73 14.68 -17.34
C11 GHR D . 5.53 12.94 -20.29
C11 GHR D . 11.53 14.89 -16.68
C10 GHR D . 6.17 12.83 -19.08
C10 GHR D . 10.47 14.02 -16.89
C13 GHR D . 7.06 14.62 -20.99
C13 GHR D . 12.85 13.59 -18.20
C14 GHR D . 7.72 14.52 -19.78
C14 GHR D . 11.79 12.72 -18.41
C9 GHR D . 7.28 13.63 -18.81
C9 GHR D . 10.60 12.93 -17.74
N9 GHR D . 7.92 13.53 -17.64
N9 GHR D . 9.56 12.15 -17.95
C8 GHR D . 8.12 12.38 -17.00
C8 GHR D . 8.60 11.96 -17.06
O8 GHR D . 8.78 12.38 -15.96
O8 GHR D . 8.67 12.49 -15.95
O7 GHR D . 7.68 11.23 -17.60
O7 GHR D . 7.54 11.24 -17.53
#